data_1YQA
#
_entry.id   1YQA
#
_entity_poly.entity_id   1
_entity_poly.type   'polypeptide(L)'
_entity_poly.pdbx_seq_one_letter_code
;KASSPSSLTYKEMILKSMPQLNDGKGSSRIVLKKYVKDTYPIVGSASNFDYLFNSAIKKCVENGELVQPKGPSGIIKLNK
KKVKLST
;
_entity_poly.pdbx_strand_id   A
#
# COMPACT_ATOMS: atom_id res chain seq x y z
N LYS A 1 -5.83 -13.56 -4.97
CA LYS A 1 -6.71 -12.58 -5.63
C LYS A 1 -6.00 -11.97 -6.84
N ALA A 2 -6.19 -10.66 -7.07
CA ALA A 2 -5.58 -10.01 -8.22
C ALA A 2 -4.07 -9.92 -8.07
N SER A 3 -3.36 -10.42 -9.07
CA SER A 3 -1.91 -10.42 -9.07
C SER A 3 -1.35 -9.00 -9.22
N SER A 4 -0.22 -8.75 -8.58
CA SER A 4 0.42 -7.45 -8.63
C SER A 4 1.32 -7.33 -9.85
N PRO A 5 1.20 -6.23 -10.61
CA PRO A 5 2.02 -5.99 -11.81
C PRO A 5 3.46 -5.58 -11.46
N SER A 6 4.06 -4.70 -12.26
CA SER A 6 5.46 -4.32 -12.05
C SER A 6 5.74 -2.90 -12.55
N SER A 7 6.79 -2.29 -11.98
CA SER A 7 7.28 -0.97 -12.39
C SER A 7 6.22 0.12 -12.20
N LEU A 8 5.44 -0.01 -11.14
CA LEU A 8 4.51 1.04 -10.77
C LEU A 8 5.16 2.01 -9.81
N THR A 9 4.48 3.10 -9.49
CA THR A 9 4.93 3.96 -8.42
C THR A 9 4.70 3.23 -7.10
N TYR A 10 5.48 3.58 -6.09
CA TYR A 10 5.34 2.94 -4.79
C TYR A 10 3.92 3.14 -4.25
N LYS A 11 3.33 4.28 -4.60
CA LYS A 11 1.94 4.55 -4.29
C LYS A 11 1.02 3.54 -4.99
N GLU A 12 1.18 3.42 -6.31
CA GLU A 12 0.36 2.48 -7.09
C GLU A 12 0.58 1.05 -6.64
N MET A 13 1.80 0.73 -6.24
CA MET A 13 2.13 -0.61 -5.76
C MET A 13 1.25 -1.00 -4.58
N ILE A 14 1.13 -0.08 -3.63
CA ILE A 14 0.28 -0.29 -2.47
C ILE A 14 -1.19 -0.28 -2.89
N LEU A 15 -1.54 0.67 -3.75
CA LEU A 15 -2.92 0.80 -4.23
C LEU A 15 -3.40 -0.47 -4.94
N LYS A 16 -2.46 -1.24 -5.48
CA LYS A 16 -2.79 -2.49 -6.13
C LYS A 16 -2.92 -3.62 -5.10
N SER A 17 -2.01 -3.63 -4.13
CA SER A 17 -1.97 -4.68 -3.12
C SER A 17 -3.07 -4.51 -2.07
N MET A 18 -3.38 -3.27 -1.74
CA MET A 18 -4.35 -2.94 -0.69
C MET A 18 -5.69 -3.67 -0.88
N PRO A 19 -6.36 -3.56 -2.05
CA PRO A 19 -7.65 -4.23 -2.31
C PRO A 19 -7.54 -5.75 -2.17
N GLN A 20 -6.33 -6.26 -2.33
CA GLN A 20 -6.10 -7.70 -2.18
C GLN A 20 -6.11 -8.08 -0.71
N LEU A 21 -5.42 -7.27 0.10
CA LEU A 21 -5.34 -7.51 1.53
C LEU A 21 -6.62 -7.11 2.24
N ASN A 22 -7.34 -8.11 2.77
CA ASN A 22 -8.59 -7.89 3.50
C ASN A 22 -9.59 -7.10 2.67
N ASP A 23 -9.63 -7.37 1.37
CA ASP A 23 -10.52 -6.67 0.44
C ASP A 23 -10.37 -5.15 0.53
N GLY A 24 -9.15 -4.70 0.79
CA GLY A 24 -8.87 -3.28 0.83
C GLY A 24 -9.42 -2.59 2.06
N LYS A 25 -9.79 -3.38 3.06
CA LYS A 25 -10.29 -2.81 4.31
C LYS A 25 -9.15 -2.20 5.11
N GLY A 26 -8.00 -2.86 5.08
CA GLY A 26 -6.85 -2.37 5.81
C GLY A 26 -5.96 -3.49 6.27
N SER A 27 -4.66 -3.24 6.33
CA SER A 27 -3.70 -4.24 6.77
C SER A 27 -2.49 -3.57 7.41
N SER A 28 -1.95 -4.22 8.43
CA SER A 28 -0.78 -3.72 9.15
C SER A 28 0.41 -3.53 8.20
N ARG A 29 1.28 -2.58 8.56
CA ARG A 29 2.44 -2.25 7.73
C ARG A 29 3.30 -3.47 7.45
N ILE A 30 3.46 -4.34 8.44
CA ILE A 30 4.20 -5.58 8.26
C ILE A 30 3.54 -6.46 7.20
N VAL A 31 2.23 -6.61 7.32
CA VAL A 31 1.46 -7.38 6.35
C VAL A 31 1.59 -6.81 4.95
N LEU A 32 1.43 -5.49 4.86
CA LEU A 32 1.51 -4.79 3.59
C LEU A 32 2.92 -4.90 2.99
N LYS A 33 3.92 -4.58 3.80
CA LYS A 33 5.31 -4.64 3.38
C LYS A 33 5.67 -6.04 2.88
N LYS A 34 5.30 -7.04 3.66
CA LYS A 34 5.55 -8.43 3.30
C LYS A 34 4.88 -8.78 1.96
N TYR A 35 3.70 -8.22 1.74
CA TYR A 35 2.95 -8.50 0.54
C TYR A 35 3.55 -7.77 -0.64
N VAL A 36 3.85 -6.51 -0.44
CA VAL A 36 4.45 -5.67 -1.45
C VAL A 36 5.80 -6.24 -1.89
N LYS A 37 6.65 -6.59 -0.93
CA LYS A 37 7.96 -7.17 -1.23
C LYS A 37 7.83 -8.53 -1.92
N ASP A 38 6.81 -9.29 -1.56
CA ASP A 38 6.62 -10.62 -2.14
C ASP A 38 6.11 -10.53 -3.57
N THR A 39 5.10 -9.71 -3.80
CA THR A 39 4.49 -9.59 -5.11
C THR A 39 5.34 -8.73 -6.05
N TYR A 40 6.05 -7.78 -5.47
CA TYR A 40 6.96 -6.93 -6.22
C TYR A 40 8.41 -7.27 -5.87
N PRO A 41 9.04 -8.19 -6.61
CA PRO A 41 10.40 -8.65 -6.34
C PRO A 41 11.43 -7.52 -6.27
N ILE A 42 11.16 -6.42 -6.97
CA ILE A 42 12.10 -5.30 -6.99
C ILE A 42 12.15 -4.61 -5.63
N VAL A 43 11.00 -4.52 -4.97
CA VAL A 43 10.94 -3.94 -3.65
C VAL A 43 11.40 -4.94 -2.61
N GLY A 44 11.30 -6.23 -2.95
CA GLY A 44 11.78 -7.27 -2.08
C GLY A 44 13.30 -7.27 -1.99
N SER A 45 13.95 -7.14 -3.14
CA SER A 45 15.40 -7.08 -3.21
C SER A 45 15.92 -5.78 -2.61
N ALA A 46 15.21 -4.68 -2.88
CA ALA A 46 15.61 -3.37 -2.38
C ALA A 46 15.42 -3.27 -0.87
N SER A 47 16.52 -2.99 -0.17
CA SER A 47 16.49 -2.80 1.26
C SER A 47 16.03 -1.37 1.57
N ASN A 48 16.42 -0.44 0.71
CA ASN A 48 16.04 0.96 0.86
C ASN A 48 14.54 1.14 0.63
N PHE A 49 13.93 0.17 -0.06
CA PHE A 49 12.50 0.18 -0.33
C PHE A 49 11.69 0.48 0.92
N ASP A 50 12.03 -0.22 1.99
CA ASP A 50 11.23 -0.19 3.21
C ASP A 50 11.03 1.24 3.72
N TYR A 51 12.04 2.08 3.55
CA TYR A 51 11.92 3.49 3.92
C TYR A 51 10.98 4.21 2.96
N LEU A 52 11.20 3.97 1.67
CA LEU A 52 10.38 4.58 0.63
C LEU A 52 8.93 4.15 0.77
N PHE A 53 8.74 2.93 1.26
CA PHE A 53 7.43 2.37 1.52
C PHE A 53 6.67 3.26 2.51
N ASN A 54 7.31 3.59 3.61
CA ASN A 54 6.73 4.46 4.64
C ASN A 54 6.47 5.85 4.08
N SER A 55 7.38 6.32 3.23
CA SER A 55 7.26 7.62 2.60
C SER A 55 6.08 7.65 1.63
N ALA A 56 5.88 6.56 0.93
CA ALA A 56 4.76 6.44 -0.01
C ALA A 56 3.43 6.55 0.72
N ILE A 57 3.33 5.86 1.85
CA ILE A 57 2.11 5.89 2.65
C ILE A 57 1.84 7.29 3.18
N LYS A 58 2.90 7.94 3.63
CA LYS A 58 2.83 9.30 4.13
C LYS A 58 2.27 10.24 3.06
N LYS A 59 2.67 10.00 1.81
CA LYS A 59 2.18 10.78 0.69
C LYS A 59 0.73 10.41 0.37
N CYS A 60 0.43 9.13 0.54
CA CYS A 60 -0.91 8.61 0.26
C CYS A 60 -1.96 9.18 1.20
N VAL A 61 -1.62 9.32 2.49
CA VAL A 61 -2.61 9.75 3.48
C VAL A 61 -3.09 11.18 3.22
N GLU A 62 -2.20 12.08 2.80
CA GLU A 62 -2.60 13.44 2.45
C GLU A 62 -3.36 13.43 1.13
N ASN A 63 -3.00 12.50 0.27
CA ASN A 63 -3.62 12.36 -1.04
C ASN A 63 -4.99 11.69 -0.95
N GLY A 64 -5.24 11.05 0.19
CA GLY A 64 -6.48 10.32 0.37
C GLY A 64 -6.49 8.99 -0.36
N GLU A 65 -5.31 8.51 -0.70
CA GLU A 65 -5.16 7.21 -1.33
C GLU A 65 -5.23 6.12 -0.26
N LEU A 66 -4.43 6.30 0.78
CA LEU A 66 -4.44 5.42 1.94
C LEU A 66 -4.79 6.22 3.18
N VAL A 67 -5.36 5.57 4.17
CA VAL A 67 -5.62 6.22 5.44
C VAL A 67 -5.05 5.40 6.59
N GLN A 68 -4.35 6.06 7.49
CA GLN A 68 -3.71 5.41 8.62
C GLN A 68 -4.16 6.09 9.92
N PRO A 69 -5.24 5.57 10.53
CA PRO A 69 -5.84 6.17 11.73
C PRO A 69 -4.93 6.14 12.95
N LYS A 70 -4.16 5.06 13.07
CA LYS A 70 -3.27 4.90 14.22
C LYS A 70 -2.09 5.86 14.16
N GLY A 71 -1.41 5.85 13.03
CA GLY A 71 -0.22 6.67 12.87
C GLY A 71 0.84 5.94 12.09
N PRO A 72 2.10 5.96 12.55
CA PRO A 72 3.19 5.23 11.90
C PRO A 72 2.99 3.72 12.00
N SER A 73 2.78 3.25 13.23
CA SER A 73 2.46 1.86 13.48
C SER A 73 0.95 1.71 13.66
N GLY A 74 0.34 0.84 12.89
CA GLY A 74 -1.10 0.68 12.97
C GLY A 74 -1.66 -0.22 11.91
N ILE A 75 -2.47 0.36 11.03
CA ILE A 75 -3.09 -0.40 9.97
C ILE A 75 -3.40 0.51 8.77
N ILE A 76 -2.85 0.15 7.63
CA ILE A 76 -3.03 0.93 6.42
C ILE A 76 -4.33 0.54 5.73
N LYS A 77 -5.25 1.47 5.62
CA LYS A 77 -6.54 1.21 4.99
C LYS A 77 -6.59 1.79 3.59
N LEU A 78 -7.11 1.02 2.65
CA LEU A 78 -7.28 1.48 1.28
C LEU A 78 -8.49 2.41 1.22
N ASN A 79 -8.22 3.72 1.29
CA ASN A 79 -9.29 4.70 1.27
C ASN A 79 -9.86 4.81 -0.14
N LYS A 80 -9.07 5.37 -1.05
CA LYS A 80 -9.40 5.43 -2.47
C LYS A 80 -10.86 5.83 -2.68
N LYS A 81 -11.30 6.85 -1.97
CA LYS A 81 -12.70 7.24 -1.97
C LYS A 81 -12.90 8.57 -2.69
N LYS A 82 -11.91 9.46 -2.61
CA LYS A 82 -12.00 10.76 -3.28
C LYS A 82 -11.67 10.64 -4.77
N VAL A 83 -12.00 9.48 -5.34
CA VAL A 83 -11.84 9.23 -6.76
C VAL A 83 -12.65 7.99 -7.15
N LYS A 84 -13.76 8.22 -7.84
CA LYS A 84 -14.68 7.13 -8.16
C LYS A 84 -15.65 7.55 -9.26
N LEU A 85 -15.18 8.40 -10.18
CA LEU A 85 -16.00 8.88 -11.29
C LEU A 85 -17.29 9.50 -10.76
N SER A 86 -17.15 10.36 -9.77
CA SER A 86 -18.29 10.93 -9.05
C SER A 86 -19.01 12.00 -9.88
N THR A 87 -19.35 11.64 -11.11
CA THR A 87 -20.05 12.55 -12.01
C THR A 87 -20.80 11.73 -13.07
N LYS A 1 -6.19 -16.37 -2.77
CA LYS A 1 -5.81 -15.92 -4.12
C LYS A 1 -5.70 -14.40 -4.16
N ALA A 2 -4.63 -13.91 -4.75
CA ALA A 2 -4.40 -12.47 -4.85
C ALA A 2 -3.51 -12.18 -6.05
N SER A 3 -3.87 -11.17 -6.81
CA SER A 3 -3.17 -10.87 -8.06
C SER A 3 -2.33 -9.59 -7.92
N SER A 4 -1.17 -9.59 -8.57
CA SER A 4 -0.29 -8.44 -8.54
C SER A 4 -0.11 -7.88 -9.95
N PRO A 5 -0.18 -6.55 -10.10
CA PRO A 5 -0.09 -5.87 -11.40
C PRO A 5 1.32 -5.83 -11.99
N SER A 6 2.09 -6.88 -11.73
CA SER A 6 3.44 -7.05 -12.29
C SER A 6 4.43 -6.02 -11.72
N SER A 7 4.21 -4.75 -12.01
CA SER A 7 5.09 -3.69 -11.57
C SER A 7 4.38 -2.35 -11.68
N LEU A 8 4.64 -1.48 -10.71
CA LEU A 8 4.03 -0.16 -10.65
C LEU A 8 4.90 0.75 -9.80
N THR A 9 4.47 1.99 -9.64
CA THR A 9 5.14 2.89 -8.72
C THR A 9 4.84 2.44 -7.29
N TYR A 10 5.77 2.66 -6.37
CA TYR A 10 5.60 2.20 -4.99
C TYR A 10 4.23 2.60 -4.43
N LYS A 11 3.80 3.81 -4.73
CA LYS A 11 2.49 4.29 -4.33
C LYS A 11 1.37 3.47 -4.98
N GLU A 12 1.51 3.22 -6.28
CA GLU A 12 0.53 2.45 -7.03
C GLU A 12 0.48 1.00 -6.56
N MET A 13 1.65 0.49 -6.16
CA MET A 13 1.79 -0.89 -5.70
C MET A 13 0.78 -1.20 -4.60
N ILE A 14 0.77 -0.36 -3.56
CA ILE A 14 -0.14 -0.56 -2.45
C ILE A 14 -1.58 -0.36 -2.87
N LEU A 15 -1.83 0.68 -3.66
CA LEU A 15 -3.17 1.02 -4.10
C LEU A 15 -3.85 -0.17 -4.78
N LYS A 16 -3.10 -0.90 -5.59
CA LYS A 16 -3.63 -2.08 -6.25
C LYS A 16 -3.61 -3.28 -5.32
N SER A 17 -2.67 -3.28 -4.38
CA SER A 17 -2.51 -4.36 -3.42
C SER A 17 -3.63 -4.37 -2.38
N MET A 18 -4.13 -3.18 -2.05
CA MET A 18 -5.13 -3.03 -0.98
C MET A 18 -6.34 -3.94 -1.18
N PRO A 19 -7.03 -3.92 -2.34
CA PRO A 19 -8.20 -4.77 -2.57
C PRO A 19 -7.87 -6.26 -2.46
N GLN A 20 -6.61 -6.61 -2.68
CA GLN A 20 -6.18 -8.00 -2.56
C GLN A 20 -6.09 -8.39 -1.09
N LEU A 21 -5.43 -7.55 -0.31
CA LEU A 21 -5.20 -7.83 1.10
C LEU A 21 -6.38 -7.46 1.97
N ASN A 22 -6.76 -8.38 2.86
CA ASN A 22 -7.77 -8.13 3.89
C ASN A 22 -9.07 -7.61 3.26
N ASP A 23 -9.38 -8.07 2.05
CA ASP A 23 -10.59 -7.65 1.32
C ASP A 23 -10.68 -6.13 1.19
N GLY A 24 -9.53 -5.47 1.10
CA GLY A 24 -9.49 -4.03 0.94
C GLY A 24 -10.05 -3.27 2.13
N LYS A 25 -9.93 -3.86 3.31
CA LYS A 25 -10.42 -3.21 4.53
C LYS A 25 -9.30 -2.45 5.22
N GLY A 26 -8.13 -3.06 5.25
CA GLY A 26 -6.99 -2.46 5.90
C GLY A 26 -5.99 -3.51 6.34
N SER A 27 -4.72 -3.29 6.03
CA SER A 27 -3.68 -4.25 6.36
C SER A 27 -2.57 -3.59 7.16
N SER A 28 -2.05 -4.32 8.13
CA SER A 28 -0.94 -3.82 8.93
C SER A 28 0.31 -3.69 8.08
N ARG A 29 1.13 -2.69 8.40
CA ARG A 29 2.33 -2.37 7.63
C ARG A 29 3.22 -3.60 7.39
N ILE A 30 3.33 -4.46 8.40
CA ILE A 30 4.12 -5.68 8.28
C ILE A 30 3.50 -6.63 7.25
N VAL A 31 2.18 -6.79 7.30
CA VAL A 31 1.45 -7.61 6.34
C VAL A 31 1.61 -7.06 4.93
N LEU A 32 1.43 -5.76 4.79
CA LEU A 32 1.52 -5.09 3.51
C LEU A 32 2.95 -5.16 2.96
N LYS A 33 3.93 -4.88 3.82
CA LYS A 33 5.33 -4.96 3.43
C LYS A 33 5.66 -6.36 2.93
N LYS A 34 5.19 -7.36 3.67
CA LYS A 34 5.39 -8.76 3.32
C LYS A 34 4.89 -9.04 1.90
N TYR A 35 3.71 -8.52 1.60
CA TYR A 35 3.08 -8.75 0.33
C TYR A 35 3.78 -7.99 -0.78
N VAL A 36 4.05 -6.73 -0.51
CA VAL A 36 4.71 -5.85 -1.46
C VAL A 36 6.08 -6.42 -1.84
N LYS A 37 6.83 -6.90 -0.85
CA LYS A 37 8.14 -7.49 -1.11
C LYS A 37 8.05 -8.76 -1.96
N ASP A 38 7.05 -9.59 -1.67
CA ASP A 38 6.91 -10.86 -2.37
C ASP A 38 6.50 -10.64 -3.83
N THR A 39 5.47 -9.84 -4.02
CA THR A 39 4.91 -9.61 -5.34
C THR A 39 5.82 -8.75 -6.20
N TYR A 40 6.37 -7.68 -5.62
CA TYR A 40 7.26 -6.80 -6.35
C TYR A 40 8.70 -7.03 -5.92
N PRO A 41 9.49 -7.76 -6.72
CA PRO A 41 10.89 -8.06 -6.41
C PRO A 41 11.76 -6.81 -6.37
N ILE A 42 11.22 -5.71 -6.91
CA ILE A 42 11.91 -4.43 -6.91
C ILE A 42 12.12 -3.95 -5.49
N VAL A 43 11.07 -4.05 -4.70
CA VAL A 43 11.10 -3.63 -3.31
C VAL A 43 11.81 -4.67 -2.45
N GLY A 44 11.70 -5.93 -2.86
CA GLY A 44 12.37 -7.00 -2.13
C GLY A 44 13.87 -6.87 -2.19
N SER A 45 14.37 -6.48 -3.36
CA SER A 45 15.80 -6.27 -3.55
C SER A 45 16.27 -4.98 -2.88
N ALA A 46 15.39 -3.97 -2.87
CA ALA A 46 15.73 -2.68 -2.29
C ALA A 46 16.05 -2.79 -0.80
N SER A 47 17.21 -2.29 -0.42
CA SER A 47 17.66 -2.34 0.97
C SER A 47 16.94 -1.31 1.82
N ASN A 48 16.84 -0.09 1.33
CA ASN A 48 16.15 0.98 2.03
C ASN A 48 14.68 1.04 1.60
N PHE A 49 14.09 -0.13 1.41
CA PHE A 49 12.71 -0.24 0.95
C PHE A 49 11.74 0.33 1.98
N ASP A 50 11.89 -0.07 3.24
CA ASP A 50 10.92 0.28 4.27
C ASP A 50 10.63 1.78 4.29
N TYR A 51 11.68 2.58 4.15
CA TYR A 51 11.52 4.03 4.10
C TYR A 51 10.72 4.44 2.88
N LEU A 52 11.06 3.91 1.72
CA LEU A 52 10.35 4.20 0.47
C LEU A 52 8.90 3.75 0.58
N PHE A 53 8.72 2.58 1.17
CA PHE A 53 7.40 2.02 1.42
C PHE A 53 6.55 2.99 2.23
N ASN A 54 7.10 3.44 3.34
CA ASN A 54 6.41 4.40 4.21
C ASN A 54 6.23 5.74 3.52
N SER A 55 7.18 6.08 2.66
CA SER A 55 7.12 7.35 1.92
C SER A 55 5.94 7.37 0.97
N ALA A 56 5.67 6.24 0.32
CA ALA A 56 4.53 6.12 -0.56
C ALA A 56 3.25 6.34 0.22
N ILE A 57 3.15 5.71 1.39
CA ILE A 57 1.99 5.86 2.26
C ILE A 57 1.91 7.28 2.78
N LYS A 58 3.06 7.85 3.11
CA LYS A 58 3.15 9.22 3.59
C LYS A 58 2.53 10.19 2.58
N LYS A 59 2.66 9.85 1.30
CA LYS A 59 1.99 10.60 0.25
C LYS A 59 0.50 10.26 0.24
N CYS A 60 0.21 8.98 0.28
CA CYS A 60 -1.17 8.49 0.24
C CYS A 60 -2.02 9.10 1.34
N VAL A 61 -1.49 9.19 2.55
CA VAL A 61 -2.28 9.69 3.68
C VAL A 61 -2.70 11.15 3.46
N GLU A 62 -1.80 11.97 2.94
CA GLU A 62 -2.14 13.37 2.65
C GLU A 62 -3.01 13.46 1.39
N ASN A 63 -2.71 12.61 0.42
CA ASN A 63 -3.45 12.58 -0.84
C ASN A 63 -4.83 11.95 -0.66
N GLY A 64 -5.06 11.37 0.50
CA GLY A 64 -6.34 10.73 0.79
C GLY A 64 -6.53 9.44 0.01
N GLU A 65 -5.43 8.74 -0.24
CA GLU A 65 -5.48 7.46 -0.91
C GLU A 65 -5.54 6.34 0.13
N LEU A 66 -4.61 6.40 1.07
CA LEU A 66 -4.57 5.48 2.19
C LEU A 66 -4.76 6.26 3.47
N VAL A 67 -5.55 5.73 4.39
CA VAL A 67 -5.74 6.38 5.67
C VAL A 67 -5.06 5.59 6.78
N GLN A 68 -4.22 6.27 7.53
CA GLN A 68 -3.53 5.67 8.65
C GLN A 68 -3.92 6.41 9.93
N PRO A 69 -4.86 5.83 10.70
CA PRO A 69 -5.41 6.47 11.90
C PRO A 69 -4.34 6.82 12.94
N LYS A 70 -3.50 5.86 13.27
CA LYS A 70 -2.46 6.07 14.27
C LYS A 70 -1.31 6.87 13.68
N GLY A 71 -0.73 6.36 12.60
CA GLY A 71 0.35 7.05 11.95
C GLY A 71 1.11 6.14 11.00
N PRO A 72 2.41 6.38 10.79
CA PRO A 72 3.24 5.56 9.91
C PRO A 72 3.24 4.08 10.31
N SER A 73 3.40 3.83 11.60
CA SER A 73 3.34 2.47 12.11
C SER A 73 1.91 2.15 12.54
N GLY A 74 1.32 1.12 11.95
CA GLY A 74 -0.04 0.77 12.25
C GLY A 74 -0.71 0.04 11.12
N ILE A 75 -1.98 0.32 10.92
CA ILE A 75 -2.76 -0.34 9.89
C ILE A 75 -3.05 0.61 8.74
N ILE A 76 -2.86 0.13 7.52
CA ILE A 76 -3.11 0.92 6.33
C ILE A 76 -4.48 0.58 5.74
N LYS A 77 -5.42 1.49 5.88
CA LYS A 77 -6.76 1.28 5.34
C LYS A 77 -6.91 2.03 4.03
N LEU A 78 -7.48 1.36 3.04
CA LEU A 78 -7.75 1.99 1.76
C LEU A 78 -8.91 2.97 1.91
N ASN A 79 -8.62 4.26 1.76
CA ASN A 79 -9.62 5.30 1.94
C ASN A 79 -10.68 5.21 0.84
N LYS A 80 -11.91 4.91 1.24
CA LYS A 80 -13.00 4.76 0.30
C LYS A 80 -13.65 6.10 -0.01
N LYS A 81 -13.13 6.78 -1.02
CA LYS A 81 -13.66 8.06 -1.44
C LYS A 81 -12.91 8.51 -2.70
N LYS A 82 -11.59 8.36 -2.64
CA LYS A 82 -10.71 8.70 -3.76
C LYS A 82 -10.83 10.18 -4.11
N VAL A 83 -10.59 11.04 -3.13
CA VAL A 83 -10.58 12.47 -3.36
C VAL A 83 -9.35 12.88 -4.15
N LYS A 84 -9.52 13.85 -5.04
CA LYS A 84 -8.45 14.29 -5.94
C LYS A 84 -8.06 13.16 -6.89
N LEU A 85 -8.89 12.94 -7.90
CA LEU A 85 -8.66 11.88 -8.86
C LEU A 85 -7.33 12.06 -9.58
N SER A 86 -6.61 10.97 -9.75
CA SER A 86 -5.32 10.98 -10.40
C SER A 86 -4.87 9.54 -10.66
N THR A 87 -3.76 9.15 -10.07
CA THR A 87 -3.27 7.77 -10.16
C THR A 87 -2.40 7.47 -8.95
N LYS A 1 -8.15 -14.19 -7.07
CA LYS A 1 -6.70 -14.38 -6.82
C LYS A 1 -5.97 -13.04 -6.83
N ALA A 2 -5.07 -12.87 -5.87
CA ALA A 2 -4.35 -11.62 -5.70
C ALA A 2 -3.18 -11.49 -6.67
N SER A 3 -3.49 -11.46 -7.96
CA SER A 3 -2.48 -11.39 -9.00
C SER A 3 -1.92 -9.98 -9.16
N SER A 4 -1.35 -9.44 -8.10
CA SER A 4 -0.70 -8.14 -8.15
C SER A 4 0.54 -8.19 -9.03
N PRO A 5 0.66 -7.27 -9.99
CA PRO A 5 1.76 -7.25 -10.96
C PRO A 5 3.07 -6.70 -10.36
N SER A 6 3.79 -5.93 -11.14
CA SER A 6 5.03 -5.31 -10.69
C SER A 6 5.31 -4.07 -11.52
N SER A 7 6.55 -3.58 -11.48
CA SER A 7 6.97 -2.37 -12.20
C SER A 7 6.00 -1.21 -11.93
N LEU A 8 5.52 -1.13 -10.71
CA LEU A 8 4.59 -0.08 -10.31
C LEU A 8 5.24 0.82 -9.28
N THR A 9 4.84 2.09 -9.28
CA THR A 9 5.32 3.04 -8.30
C THR A 9 4.86 2.62 -6.91
N TYR A 10 5.60 3.05 -5.89
CA TYR A 10 5.37 2.59 -4.51
C TYR A 10 3.89 2.61 -4.10
N LYS A 11 3.23 3.74 -4.31
CA LYS A 11 1.82 3.86 -3.92
C LYS A 11 0.95 2.97 -4.79
N GLU A 12 1.28 2.87 -6.09
CA GLU A 12 0.55 2.01 -7.01
C GLU A 12 0.54 0.57 -6.53
N MET A 13 1.68 0.14 -5.98
CA MET A 13 1.80 -1.20 -5.43
C MET A 13 0.75 -1.41 -4.35
N ILE A 14 0.67 -0.45 -3.43
CA ILE A 14 -0.31 -0.50 -2.35
C ILE A 14 -1.74 -0.46 -2.90
N LEU A 15 -1.97 0.46 -3.84
CA LEU A 15 -3.30 0.66 -4.42
C LEU A 15 -3.90 -0.65 -4.91
N LYS A 16 -3.08 -1.44 -5.59
CA LYS A 16 -3.51 -2.73 -6.09
C LYS A 16 -3.53 -3.79 -4.97
N SER A 17 -2.56 -3.69 -4.06
CA SER A 17 -2.43 -4.67 -2.98
C SER A 17 -3.57 -4.57 -1.96
N MET A 18 -4.05 -3.37 -1.69
CA MET A 18 -5.07 -3.16 -0.66
C MET A 18 -6.27 -4.07 -0.87
N PRO A 19 -6.94 -4.06 -2.04
CA PRO A 19 -8.08 -4.95 -2.32
C PRO A 19 -7.72 -6.43 -2.15
N GLN A 20 -6.45 -6.75 -2.38
CA GLN A 20 -5.99 -8.14 -2.27
C GLN A 20 -5.87 -8.54 -0.81
N LEU A 21 -5.38 -7.63 0.01
CA LEU A 21 -5.13 -7.92 1.42
C LEU A 21 -6.40 -7.68 2.24
N ASN A 22 -6.93 -8.76 2.81
CA ASN A 22 -8.16 -8.74 3.60
C ASN A 22 -9.39 -8.45 2.74
N ASP A 23 -9.35 -7.30 2.08
CA ASP A 23 -10.45 -6.82 1.25
C ASP A 23 -10.09 -5.43 0.74
N GLY A 24 -9.44 -4.67 1.61
CA GLY A 24 -9.08 -3.30 1.30
C GLY A 24 -9.26 -2.41 2.50
N LYS A 25 -10.06 -2.91 3.44
CA LYS A 25 -10.42 -2.17 4.64
C LYS A 25 -9.20 -1.65 5.40
N GLY A 26 -8.18 -2.49 5.51
CA GLY A 26 -6.99 -2.09 6.23
C GLY A 26 -6.03 -3.25 6.40
N SER A 27 -4.75 -2.99 6.20
CA SER A 27 -3.72 -4.01 6.31
C SER A 27 -2.47 -3.43 6.95
N SER A 28 -1.88 -4.17 7.88
CA SER A 28 -0.69 -3.72 8.58
C SER A 28 0.50 -3.67 7.63
N ARG A 29 1.47 -2.81 7.93
CA ARG A 29 2.67 -2.67 7.11
C ARG A 29 3.47 -3.96 7.13
N ILE A 30 3.38 -4.71 8.22
CA ILE A 30 4.04 -6.01 8.30
C ILE A 30 3.53 -6.93 7.20
N VAL A 31 2.21 -6.99 7.06
CA VAL A 31 1.57 -7.75 6.01
C VAL A 31 1.83 -7.12 4.64
N LEU A 32 1.62 -5.82 4.57
CA LEU A 32 1.73 -5.09 3.31
C LEU A 32 3.15 -5.15 2.74
N LYS A 33 4.14 -4.87 3.56
CA LYS A 33 5.53 -4.88 3.13
C LYS A 33 5.98 -6.30 2.77
N LYS A 34 5.50 -7.27 3.52
CA LYS A 34 5.75 -8.67 3.22
C LYS A 34 5.16 -9.04 1.86
N TYR A 35 4.03 -8.42 1.56
CA TYR A 35 3.31 -8.71 0.35
C TYR A 35 3.96 -8.04 -0.84
N VAL A 36 4.22 -6.75 -0.70
CA VAL A 36 4.81 -5.96 -1.77
C VAL A 36 6.18 -6.52 -2.16
N LYS A 37 6.98 -6.91 -1.17
CA LYS A 37 8.30 -7.46 -1.43
C LYS A 37 8.23 -8.79 -2.18
N ASP A 38 7.27 -9.63 -1.82
CA ASP A 38 7.17 -10.96 -2.41
C ASP A 38 6.53 -10.91 -3.80
N THR A 39 5.50 -10.11 -3.97
CA THR A 39 4.80 -10.05 -5.24
C THR A 39 5.51 -9.11 -6.21
N TYR A 40 6.02 -8.00 -5.70
CA TYR A 40 6.78 -7.07 -6.51
C TYR A 40 8.28 -7.26 -6.25
N PRO A 41 8.99 -7.95 -7.16
CA PRO A 41 10.43 -8.24 -7.02
C PRO A 41 11.28 -6.97 -7.08
N ILE A 42 10.66 -5.86 -7.47
CA ILE A 42 11.36 -4.59 -7.56
C ILE A 42 11.74 -4.07 -6.18
N VAL A 43 10.88 -4.33 -5.21
CA VAL A 43 11.07 -3.82 -3.86
C VAL A 43 11.61 -4.89 -2.93
N GLY A 44 11.37 -6.15 -3.25
CA GLY A 44 11.79 -7.26 -2.42
C GLY A 44 13.28 -7.52 -2.46
N SER A 45 14.08 -6.53 -2.03
CA SER A 45 15.52 -6.69 -1.97
C SER A 45 16.16 -5.50 -1.25
N ALA A 46 15.78 -4.29 -1.63
CA ALA A 46 16.34 -3.08 -1.04
C ALA A 46 15.90 -2.93 0.42
N SER A 47 16.86 -2.71 1.30
CA SER A 47 16.57 -2.56 2.73
C SER A 47 16.00 -1.17 3.03
N ASN A 48 16.49 -0.17 2.31
CA ASN A 48 16.03 1.22 2.52
C ASN A 48 14.60 1.39 2.00
N PHE A 49 14.08 0.34 1.36
CA PHE A 49 12.72 0.31 0.85
C PHE A 49 11.72 0.62 1.96
N ASP A 50 11.98 0.14 3.17
CA ASP A 50 11.05 0.31 4.28
C ASP A 50 10.69 1.79 4.48
N TYR A 51 11.69 2.65 4.46
CA TYR A 51 11.46 4.08 4.59
C TYR A 51 10.74 4.63 3.37
N LEU A 52 11.21 4.27 2.18
CA LEU A 52 10.63 4.75 0.93
C LEU A 52 9.18 4.30 0.80
N PHE A 53 8.91 3.06 1.19
CA PHE A 53 7.58 2.50 1.18
C PHE A 53 6.67 3.30 2.10
N ASN A 54 7.13 3.50 3.32
CA ASN A 54 6.40 4.30 4.30
C ASN A 54 6.18 5.72 3.79
N SER A 55 7.16 6.24 3.07
CA SER A 55 7.07 7.58 2.51
C SER A 55 5.94 7.67 1.50
N ALA A 56 5.78 6.62 0.70
CA ALA A 56 4.70 6.57 -0.28
C ALA A 56 3.35 6.58 0.40
N ILE A 57 3.22 5.79 1.47
CA ILE A 57 1.97 5.75 2.23
C ILE A 57 1.70 7.10 2.88
N LYS A 58 2.76 7.68 3.44
CA LYS A 58 2.70 9.00 4.07
C LYS A 58 2.33 10.07 3.02
N LYS A 59 2.74 9.84 1.78
CA LYS A 59 2.38 10.74 0.70
C LYS A 59 0.90 10.58 0.36
N CYS A 60 0.42 9.37 0.48
CA CYS A 60 -0.95 9.04 0.15
C CYS A 60 -1.95 9.60 1.16
N VAL A 61 -1.56 9.66 2.44
CA VAL A 61 -2.48 10.13 3.48
C VAL A 61 -2.89 11.59 3.25
N GLU A 62 -1.94 12.41 2.80
CA GLU A 62 -2.26 13.79 2.44
C GLU A 62 -3.02 13.83 1.12
N ASN A 63 -2.70 12.89 0.23
CA ASN A 63 -3.39 12.75 -1.04
C ASN A 63 -4.85 12.39 -0.82
N GLY A 64 -5.12 11.63 0.24
CA GLY A 64 -6.46 11.26 0.59
C GLY A 64 -6.92 9.98 -0.08
N GLU A 65 -5.95 9.21 -0.57
CA GLU A 65 -6.25 7.93 -1.18
C GLU A 65 -6.11 6.81 -0.16
N LEU A 66 -5.08 6.94 0.68
CA LEU A 66 -4.86 5.98 1.76
C LEU A 66 -4.92 6.71 3.09
N VAL A 67 -5.51 6.08 4.08
CA VAL A 67 -5.61 6.67 5.40
C VAL A 67 -4.90 5.81 6.43
N GLN A 68 -4.14 6.46 7.29
CA GLN A 68 -3.41 5.76 8.35
C GLN A 68 -3.84 6.29 9.71
N PRO A 69 -4.82 5.63 10.35
CA PRO A 69 -5.40 6.08 11.61
C PRO A 69 -4.39 6.05 12.76
N LYS A 70 -3.56 5.01 12.78
CA LYS A 70 -2.61 4.82 13.85
C LYS A 70 -1.51 5.90 13.83
N GLY A 71 -1.03 6.21 12.63
CA GLY A 71 0.00 7.21 12.50
C GLY A 71 0.89 6.94 11.31
N PRO A 72 2.21 6.90 11.50
CA PRO A 72 3.16 6.62 10.42
C PRO A 72 2.98 5.21 9.86
N SER A 73 2.52 4.30 10.71
CA SER A 73 2.26 2.93 10.31
C SER A 73 1.02 2.40 11.03
N GLY A 74 1.16 1.29 11.76
CA GLY A 74 0.03 0.72 12.48
C GLY A 74 -0.86 -0.10 11.57
N ILE A 75 -1.47 0.56 10.60
CA ILE A 75 -2.31 -0.13 9.63
C ILE A 75 -2.66 0.81 8.48
N ILE A 76 -2.47 0.31 7.26
CA ILE A 76 -2.76 1.09 6.07
C ILE A 76 -4.18 0.78 5.61
N LYS A 77 -4.98 1.82 5.42
CA LYS A 77 -6.36 1.63 5.02
C LYS A 77 -6.62 2.28 3.67
N LEU A 78 -7.26 1.54 2.78
CA LEU A 78 -7.66 2.09 1.50
C LEU A 78 -8.87 2.99 1.71
N ASN A 79 -8.65 4.29 1.63
CA ASN A 79 -9.71 5.25 1.93
C ASN A 79 -10.78 5.20 0.85
N LYS A 80 -11.99 4.84 1.26
CA LYS A 80 -13.12 4.75 0.35
C LYS A 80 -13.43 6.12 -0.22
N LYS A 81 -13.38 7.10 0.67
CA LYS A 81 -13.45 8.52 0.32
C LYS A 81 -14.82 8.95 -0.22
N LYS A 82 -15.35 8.22 -1.17
CA LYS A 82 -16.62 8.60 -1.79
C LYS A 82 -17.77 7.75 -1.29
N VAL A 83 -17.71 7.40 -0.02
CA VAL A 83 -18.77 6.67 0.67
C VAL A 83 -18.54 6.74 2.17
N LYS A 84 -19.60 6.85 2.94
CA LYS A 84 -19.48 7.05 4.37
C LYS A 84 -20.73 6.57 5.10
N LEU A 85 -20.53 5.79 6.14
CA LEU A 85 -21.61 5.34 7.00
C LEU A 85 -22.05 6.49 7.92
N SER A 86 -23.35 6.70 8.03
CA SER A 86 -23.87 7.80 8.81
C SER A 86 -25.34 7.55 9.16
N THR A 87 -25.63 6.35 9.62
CA THR A 87 -26.98 5.97 10.00
C THR A 87 -26.92 4.73 10.90
N LYS A 1 1.64 -14.37 -12.45
CA LYS A 1 0.82 -13.82 -11.34
C LYS A 1 0.26 -12.45 -11.72
N ALA A 2 -0.48 -12.41 -12.82
CA ALA A 2 -1.03 -11.16 -13.33
C ALA A 2 -2.13 -10.60 -12.42
N SER A 3 -1.71 -9.77 -11.49
CA SER A 3 -2.62 -9.07 -10.59
C SER A 3 -1.95 -7.82 -10.08
N SER A 4 -0.78 -8.01 -9.47
CA SER A 4 0.07 -6.90 -9.12
C SER A 4 1.28 -6.91 -10.05
N PRO A 5 1.51 -5.81 -10.79
CA PRO A 5 2.59 -5.72 -11.77
C PRO A 5 3.97 -5.55 -11.11
N SER A 6 4.77 -4.63 -11.64
CA SER A 6 6.08 -4.34 -11.08
C SER A 6 6.49 -2.91 -11.38
N SER A 7 6.35 -2.50 -12.63
CA SER A 7 6.70 -1.15 -13.05
C SER A 7 5.63 -0.14 -12.63
N LEU A 8 5.55 0.10 -11.33
CA LEU A 8 4.58 1.04 -10.77
C LEU A 8 5.19 1.81 -9.61
N THR A 9 4.67 2.98 -9.34
CA THR A 9 5.09 3.77 -8.19
C THR A 9 4.72 3.04 -6.90
N TYR A 10 5.48 3.27 -5.84
CA TYR A 10 5.22 2.61 -4.56
C TYR A 10 3.83 2.97 -4.04
N LYS A 11 3.38 4.17 -4.37
CA LYS A 11 2.03 4.61 -4.07
C LYS A 11 1.00 3.72 -4.77
N GLU A 12 1.23 3.49 -6.07
CA GLU A 12 0.41 2.62 -6.87
C GLU A 12 0.48 1.17 -6.36
N MET A 13 1.67 0.78 -5.92
CA MET A 13 1.90 -0.57 -5.40
C MET A 13 0.99 -0.89 -4.23
N ILE A 14 0.96 0.00 -3.24
CA ILE A 14 0.15 -0.20 -2.04
C ILE A 14 -1.34 -0.22 -2.38
N LEU A 15 -1.77 0.72 -3.19
CA LEU A 15 -3.17 0.79 -3.61
C LEU A 15 -3.56 -0.44 -4.43
N LYS A 16 -2.57 -1.04 -5.08
CA LYS A 16 -2.79 -2.25 -5.87
C LYS A 16 -2.89 -3.48 -4.95
N SER A 17 -2.08 -3.51 -3.91
CA SER A 17 -2.04 -4.64 -2.99
C SER A 17 -3.20 -4.59 -2.00
N MET A 18 -3.67 -3.37 -1.72
CA MET A 18 -4.76 -3.16 -0.77
C MET A 18 -5.97 -4.06 -1.03
N PRO A 19 -6.55 -4.10 -2.26
CA PRO A 19 -7.73 -4.94 -2.55
C PRO A 19 -7.47 -6.42 -2.27
N GLN A 20 -6.23 -6.83 -2.41
CA GLN A 20 -5.85 -8.21 -2.12
C GLN A 20 -5.85 -8.44 -0.61
N LEU A 21 -5.37 -7.44 0.12
CA LEU A 21 -5.26 -7.50 1.56
C LEU A 21 -6.53 -6.99 2.24
N ASN A 22 -7.45 -7.91 2.54
CA ASN A 22 -8.71 -7.59 3.23
C ASN A 22 -9.55 -6.59 2.44
N ASP A 23 -9.47 -6.65 1.11
CA ASP A 23 -10.22 -5.75 0.24
C ASP A 23 -9.98 -4.28 0.60
N GLY A 24 -8.78 -4.00 1.08
CA GLY A 24 -8.40 -2.64 1.44
C GLY A 24 -9.16 -2.12 2.64
N LYS A 25 -9.76 -3.01 3.42
CA LYS A 25 -10.47 -2.59 4.62
C LYS A 25 -9.48 -2.21 5.70
N GLY A 26 -8.40 -2.97 5.78
CA GLY A 26 -7.36 -2.67 6.73
C GLY A 26 -6.37 -3.81 6.86
N SER A 27 -5.11 -3.52 6.63
CA SER A 27 -4.07 -4.53 6.73
C SER A 27 -2.81 -3.96 7.37
N SER A 28 -2.19 -4.72 8.25
CA SER A 28 -1.03 -4.26 8.99
C SER A 28 0.14 -3.92 8.07
N ARG A 29 0.94 -2.95 8.49
CA ARG A 29 2.11 -2.53 7.75
C ARG A 29 3.02 -3.72 7.46
N ILE A 30 3.11 -4.62 8.42
CA ILE A 30 3.92 -5.83 8.28
C ILE A 30 3.43 -6.71 7.13
N VAL A 31 2.13 -6.99 7.09
CA VAL A 31 1.58 -7.83 6.04
C VAL A 31 1.61 -7.11 4.68
N LEU A 32 1.39 -5.80 4.71
CA LEU A 32 1.44 -4.99 3.50
C LEU A 32 2.84 -4.98 2.92
N LYS A 33 3.82 -4.68 3.78
CA LYS A 33 5.20 -4.66 3.36
C LYS A 33 5.63 -6.03 2.84
N LYS A 34 5.16 -7.07 3.51
CA LYS A 34 5.39 -8.44 3.07
C LYS A 34 4.82 -8.67 1.68
N TYR A 35 3.60 -8.21 1.48
CA TYR A 35 2.89 -8.43 0.23
C TYR A 35 3.51 -7.60 -0.87
N VAL A 36 3.81 -6.35 -0.54
CA VAL A 36 4.47 -5.43 -1.43
C VAL A 36 5.81 -6.01 -1.90
N LYS A 37 6.53 -6.61 -0.96
CA LYS A 37 7.78 -7.31 -1.27
C LYS A 37 7.54 -8.52 -2.16
N ASP A 38 6.52 -9.30 -1.83
CA ASP A 38 6.25 -10.55 -2.54
C ASP A 38 5.80 -10.29 -3.97
N THR A 39 4.89 -9.34 -4.13
CA THR A 39 4.33 -9.03 -5.44
C THR A 39 5.34 -8.24 -6.27
N TYR A 40 5.98 -7.26 -5.66
CA TYR A 40 6.99 -6.47 -6.35
C TYR A 40 8.38 -6.80 -5.81
N PRO A 41 9.07 -7.79 -6.40
CA PRO A 41 10.39 -8.23 -5.95
C PRO A 41 11.43 -7.12 -6.01
N ILE A 42 11.12 -6.05 -6.74
CA ILE A 42 12.02 -4.91 -6.83
C ILE A 42 12.12 -4.17 -5.50
N VAL A 43 11.04 -4.18 -4.74
CA VAL A 43 11.05 -3.59 -3.41
C VAL A 43 11.75 -4.53 -2.43
N GLY A 44 11.63 -5.83 -2.68
CA GLY A 44 12.35 -6.81 -1.88
C GLY A 44 13.84 -6.69 -2.06
N SER A 45 14.26 -6.47 -3.30
CA SER A 45 15.66 -6.33 -3.63
C SER A 45 16.20 -4.98 -3.11
N ALA A 46 15.35 -3.95 -3.16
CA ALA A 46 15.74 -2.62 -2.70
C ALA A 46 16.13 -2.64 -1.22
N SER A 47 17.28 -2.08 -0.91
CA SER A 47 17.78 -2.10 0.46
C SER A 47 17.02 -1.09 1.33
N ASN A 48 16.90 0.15 0.86
CA ASN A 48 16.20 1.19 1.60
C ASN A 48 14.72 1.21 1.21
N PHE A 49 14.16 0.03 1.02
CA PHE A 49 12.76 -0.11 0.65
C PHE A 49 11.84 0.37 1.77
N ASP A 50 12.10 -0.07 2.99
CA ASP A 50 11.23 0.21 4.12
C ASP A 50 10.94 1.70 4.25
N TYR A 51 11.96 2.54 4.06
CA TYR A 51 11.80 3.99 4.08
C TYR A 51 10.89 4.44 2.94
N LEU A 52 11.14 3.90 1.75
CA LEU A 52 10.34 4.23 0.58
C LEU A 52 8.89 3.79 0.79
N PHE A 53 8.73 2.65 1.45
CA PHE A 53 7.42 2.12 1.79
C PHE A 53 6.69 3.11 2.70
N ASN A 54 7.38 3.57 3.73
CA ASN A 54 6.87 4.59 4.64
C ASN A 54 6.49 5.86 3.88
N SER A 55 7.36 6.23 2.96
CA SER A 55 7.18 7.43 2.15
C SER A 55 5.94 7.30 1.26
N ALA A 56 5.74 6.10 0.73
CA ALA A 56 4.60 5.83 -0.12
C ALA A 56 3.29 6.01 0.64
N ILE A 57 3.23 5.44 1.85
CA ILE A 57 2.05 5.56 2.70
C ILE A 57 1.81 7.03 3.04
N LYS A 58 2.88 7.70 3.41
CA LYS A 58 2.85 9.11 3.77
C LYS A 58 2.26 9.95 2.63
N LYS A 59 2.66 9.62 1.41
CA LYS A 59 2.15 10.30 0.22
C LYS A 59 0.71 9.90 -0.08
N CYS A 60 0.41 8.63 0.03
CA CYS A 60 -0.93 8.12 -0.25
C CYS A 60 -1.97 8.77 0.66
N VAL A 61 -1.63 8.93 1.94
CA VAL A 61 -2.58 9.48 2.91
C VAL A 61 -2.84 10.97 2.66
N GLU A 62 -1.79 11.75 2.38
CA GLU A 62 -1.96 13.17 2.09
C GLU A 62 -2.67 13.37 0.75
N ASN A 63 -2.37 12.47 -0.18
CA ASN A 63 -2.99 12.48 -1.51
C ASN A 63 -4.49 12.21 -1.43
N GLY A 64 -4.91 11.53 -0.36
CA GLY A 64 -6.30 11.15 -0.22
C GLY A 64 -6.59 9.86 -0.96
N GLU A 65 -5.57 9.01 -1.03
CA GLU A 65 -5.66 7.73 -1.71
C GLU A 65 -5.67 6.60 -0.69
N LEU A 66 -5.08 6.86 0.46
CA LEU A 66 -4.89 5.87 1.47
C LEU A 66 -5.10 6.49 2.84
N VAL A 67 -5.45 5.67 3.82
CA VAL A 67 -5.70 6.15 5.16
C VAL A 67 -4.98 5.28 6.19
N GLN A 68 -4.35 5.91 7.16
CA GLN A 68 -3.65 5.19 8.21
C GLN A 68 -3.78 5.97 9.51
N PRO A 69 -4.67 5.50 10.41
CA PRO A 69 -4.98 6.19 11.66
C PRO A 69 -3.76 6.33 12.58
N LYS A 70 -2.80 5.43 12.43
CA LYS A 70 -1.64 5.41 13.31
C LYS A 70 -0.40 5.94 12.60
N GLY A 71 -0.61 6.85 11.65
CA GLY A 71 0.50 7.47 10.95
C GLY A 71 1.29 6.48 10.11
N PRO A 72 2.61 6.36 10.37
CA PRO A 72 3.49 5.48 9.60
C PRO A 72 3.30 4.01 9.96
N SER A 73 3.49 3.69 11.24
CA SER A 73 3.36 2.32 11.72
C SER A 73 1.95 2.05 12.21
N GLY A 74 1.34 0.98 11.71
CA GLY A 74 0.00 0.64 12.11
C GLY A 74 -0.71 -0.21 11.08
N ILE A 75 -2.01 0.01 10.94
CA ILE A 75 -2.80 -0.72 9.96
C ILE A 75 -3.24 0.20 8.83
N ILE A 76 -2.85 -0.16 7.62
CA ILE A 76 -3.15 0.64 6.45
C ILE A 76 -4.53 0.29 5.91
N LYS A 77 -5.34 1.32 5.69
CA LYS A 77 -6.69 1.14 5.21
C LYS A 77 -6.93 1.97 3.96
N LEU A 78 -7.50 1.37 2.94
CA LEU A 78 -7.82 2.10 1.72
C LEU A 78 -8.97 3.06 2.01
N ASN A 79 -8.76 4.34 1.75
CA ASN A 79 -9.74 5.35 2.12
C ASN A 79 -11.01 5.21 1.28
N LYS A 80 -12.15 5.29 1.94
CA LYS A 80 -13.43 5.06 1.30
C LYS A 80 -14.23 6.36 1.20
N LYS A 81 -13.57 7.42 0.74
CA LYS A 81 -14.26 8.69 0.53
C LYS A 81 -15.18 8.56 -0.70
N LYS A 82 -14.79 7.68 -1.60
CA LYS A 82 -15.58 7.34 -2.77
C LYS A 82 -14.97 6.11 -3.42
N VAL A 83 -15.81 5.29 -4.04
CA VAL A 83 -15.33 4.07 -4.69
C VAL A 83 -14.60 4.42 -6.00
N LYS A 84 -13.53 5.19 -5.87
CA LYS A 84 -12.79 5.70 -7.00
C LYS A 84 -12.16 4.57 -7.81
N LEU A 85 -12.14 4.75 -9.11
CA LEU A 85 -11.56 3.77 -10.02
C LEU A 85 -10.04 3.81 -9.93
N SER A 86 -9.43 2.64 -9.87
CA SER A 86 -7.97 2.54 -9.79
C SER A 86 -7.52 1.29 -10.52
N THR A 87 -8.17 0.16 -10.22
CA THR A 87 -7.91 -1.10 -10.90
C THR A 87 -9.07 -2.04 -10.63
N LYS A 1 -5.99 -13.35 -10.78
CA LYS A 1 -6.73 -12.06 -10.87
C LYS A 1 -6.14 -11.04 -9.91
N ALA A 2 -6.28 -9.76 -10.25
CA ALA A 2 -5.74 -8.68 -9.43
C ALA A 2 -4.22 -8.79 -9.31
N SER A 3 -3.57 -9.07 -10.42
CA SER A 3 -2.12 -9.18 -10.45
C SER A 3 -1.47 -7.80 -10.46
N SER A 4 -0.51 -7.60 -9.59
CA SER A 4 0.18 -6.32 -9.48
C SER A 4 1.32 -6.24 -10.51
N PRO A 5 1.23 -5.30 -11.47
CA PRO A 5 2.25 -5.12 -12.50
C PRO A 5 3.45 -4.34 -12.00
N SER A 6 4.65 -4.78 -12.39
CA SER A 6 5.87 -4.11 -11.97
C SER A 6 6.06 -2.81 -12.76
N SER A 7 7.23 -2.19 -12.60
CA SER A 7 7.57 -0.95 -13.27
C SER A 7 6.58 0.16 -12.92
N LEU A 8 6.43 0.40 -11.61
CA LEU A 8 5.50 1.39 -11.10
C LEU A 8 6.03 1.96 -9.80
N THR A 9 5.56 3.14 -9.44
CA THR A 9 5.94 3.74 -8.16
C THR A 9 5.40 2.89 -7.02
N TYR A 10 6.02 3.04 -5.86
CA TYR A 10 5.62 2.29 -4.67
C TYR A 10 4.15 2.57 -4.33
N LYS A 11 3.67 3.75 -4.72
CA LYS A 11 2.29 4.12 -4.48
C LYS A 11 1.33 3.23 -5.29
N GLU A 12 1.63 3.05 -6.57
CA GLU A 12 0.83 2.18 -7.44
C GLU A 12 0.82 0.75 -6.92
N MET A 13 1.97 0.31 -6.43
CA MET A 13 2.14 -1.03 -5.91
C MET A 13 1.12 -1.32 -4.81
N ILE A 14 1.01 -0.40 -3.88
CA ILE A 14 0.10 -0.55 -2.76
C ILE A 14 -1.34 -0.43 -3.21
N LEU A 15 -1.60 0.47 -4.17
CA LEU A 15 -2.95 0.69 -4.68
C LEU A 15 -3.55 -0.62 -5.19
N LYS A 16 -2.76 -1.37 -5.94
CA LYS A 16 -3.21 -2.65 -6.46
C LYS A 16 -3.32 -3.69 -5.34
N SER A 17 -2.36 -3.66 -4.42
CA SER A 17 -2.29 -4.65 -3.35
C SER A 17 -3.38 -4.47 -2.29
N MET A 18 -3.78 -3.22 -2.04
CA MET A 18 -4.73 -2.90 -0.97
C MET A 18 -6.01 -3.74 -1.02
N PRO A 19 -6.72 -3.82 -2.17
CA PRO A 19 -7.98 -4.58 -2.26
C PRO A 19 -7.76 -6.07 -2.01
N GLN A 20 -6.59 -6.56 -2.38
CA GLN A 20 -6.24 -7.96 -2.20
C GLN A 20 -6.14 -8.32 -0.72
N LEU A 21 -5.65 -7.38 0.07
CA LEU A 21 -5.48 -7.60 1.50
C LEU A 21 -6.72 -7.16 2.27
N ASN A 22 -7.40 -8.13 2.87
CA ASN A 22 -8.59 -7.87 3.70
C ASN A 22 -9.65 -7.08 2.93
N ASP A 23 -9.80 -7.38 1.65
CA ASP A 23 -10.79 -6.70 0.79
C ASP A 23 -10.64 -5.17 0.87
N GLY A 24 -9.41 -4.71 1.08
CA GLY A 24 -9.15 -3.29 1.16
C GLY A 24 -9.74 -2.64 2.41
N LYS A 25 -9.96 -3.43 3.46
CA LYS A 25 -10.46 -2.88 4.71
C LYS A 25 -9.33 -2.24 5.50
N GLY A 26 -8.19 -2.91 5.51
CA GLY A 26 -7.05 -2.43 6.25
C GLY A 26 -6.11 -3.56 6.61
N SER A 27 -4.81 -3.33 6.45
CA SER A 27 -3.83 -4.35 6.74
C SER A 27 -2.61 -3.76 7.43
N SER A 28 -2.10 -4.47 8.41
CA SER A 28 -0.95 -4.02 9.17
C SER A 28 0.28 -3.85 8.29
N ARG A 29 1.19 -3.00 8.74
CA ARG A 29 2.39 -2.66 7.99
C ARG A 29 3.17 -3.92 7.58
N ILE A 30 3.26 -4.88 8.50
CA ILE A 30 3.96 -6.12 8.22
C ILE A 30 3.28 -6.92 7.11
N VAL A 31 1.95 -7.00 7.19
CA VAL A 31 1.16 -7.71 6.18
C VAL A 31 1.28 -7.04 4.82
N LEU A 32 1.21 -5.72 4.79
CA LEU A 32 1.34 -4.98 3.55
C LEU A 32 2.76 -5.09 3.00
N LYS A 33 3.74 -4.89 3.87
CA LYS A 33 5.13 -4.94 3.47
C LYS A 33 5.52 -6.32 2.94
N LYS A 34 5.06 -7.37 3.62
CA LYS A 34 5.34 -8.73 3.17
C LYS A 34 4.72 -8.99 1.80
N TYR A 35 3.58 -8.34 1.56
CA TYR A 35 2.86 -8.52 0.31
C TYR A 35 3.53 -7.72 -0.79
N VAL A 36 3.86 -6.48 -0.47
CA VAL A 36 4.53 -5.58 -1.39
C VAL A 36 5.87 -6.18 -1.84
N LYS A 37 6.61 -6.73 -0.90
CA LYS A 37 7.87 -7.40 -1.22
C LYS A 37 7.64 -8.66 -2.05
N ASP A 38 6.62 -9.43 -1.70
CA ASP A 38 6.35 -10.69 -2.36
C ASP A 38 5.90 -10.48 -3.80
N THR A 39 5.04 -9.48 -4.01
CA THR A 39 4.52 -9.22 -5.33
C THR A 39 5.53 -8.49 -6.19
N TYR A 40 6.28 -7.59 -5.56
CA TYR A 40 7.28 -6.81 -6.26
C TYR A 40 8.69 -7.17 -5.79
N PRO A 41 9.36 -8.08 -6.50
CA PRO A 41 10.73 -8.49 -6.18
C PRO A 41 11.72 -7.31 -6.22
N ILE A 42 11.31 -6.21 -6.85
CA ILE A 42 12.15 -5.03 -6.95
C ILE A 42 12.25 -4.33 -5.60
N VAL A 43 11.14 -4.27 -4.88
CA VAL A 43 11.16 -3.69 -3.54
C VAL A 43 11.83 -4.64 -2.56
N GLY A 44 11.71 -5.93 -2.84
CA GLY A 44 12.40 -6.93 -2.05
C GLY A 44 13.91 -6.79 -2.11
N SER A 45 14.38 -6.28 -3.24
CA SER A 45 15.81 -6.06 -3.46
C SER A 45 16.19 -4.62 -3.11
N ALA A 46 15.76 -4.15 -1.95
CA ALA A 46 16.05 -2.80 -1.52
C ALA A 46 16.16 -2.73 0.00
N SER A 47 17.25 -2.16 0.47
CA SER A 47 17.48 -2.01 1.91
C SER A 47 16.67 -0.85 2.46
N ASN A 48 16.64 0.25 1.71
CA ASN A 48 15.89 1.44 2.11
C ASN A 48 14.46 1.38 1.60
N PHE A 49 14.01 0.16 1.27
CA PHE A 49 12.66 -0.08 0.80
C PHE A 49 11.63 0.38 1.83
N ASP A 50 11.79 -0.08 3.07
CA ASP A 50 10.82 0.19 4.14
C ASP A 50 10.52 1.68 4.25
N TYR A 51 11.56 2.51 4.13
CA TYR A 51 11.39 3.95 4.17
C TYR A 51 10.61 4.45 2.95
N LEU A 52 11.03 4.00 1.76
CA LEU A 52 10.35 4.41 0.52
C LEU A 52 8.90 3.93 0.53
N PHE A 53 8.71 2.74 1.10
CA PHE A 53 7.39 2.17 1.29
C PHE A 53 6.54 3.10 2.15
N ASN A 54 7.11 3.52 3.26
CA ASN A 54 6.47 4.48 4.17
C ASN A 54 6.17 5.79 3.46
N SER A 55 7.12 6.25 2.65
CA SER A 55 6.99 7.52 1.95
C SER A 55 5.84 7.47 0.94
N ALA A 56 5.67 6.32 0.30
CA ALA A 56 4.58 6.14 -0.64
C ALA A 56 3.24 6.30 0.06
N ILE A 57 3.11 5.66 1.22
CA ILE A 57 1.89 5.77 2.01
C ILE A 57 1.73 7.17 2.57
N LYS A 58 2.84 7.76 2.98
CA LYS A 58 2.86 9.10 3.54
C LYS A 58 2.22 10.10 2.57
N LYS A 59 2.55 9.96 1.29
CA LYS A 59 1.93 10.79 0.26
C LYS A 59 0.44 10.48 0.13
N CYS A 60 0.12 9.20 0.25
CA CYS A 60 -1.26 8.74 0.13
C CYS A 60 -2.15 9.30 1.24
N VAL A 61 -1.62 9.38 2.46
CA VAL A 61 -2.44 9.81 3.61
C VAL A 61 -2.88 11.26 3.46
N GLU A 62 -2.01 12.12 2.93
CA GLU A 62 -2.37 13.52 2.69
C GLU A 62 -3.32 13.59 1.51
N ASN A 63 -2.96 12.86 0.45
CA ASN A 63 -3.74 12.81 -0.77
C ASN A 63 -5.14 12.26 -0.52
N GLY A 64 -5.25 11.39 0.47
CA GLY A 64 -6.52 10.76 0.78
C GLY A 64 -6.75 9.51 -0.04
N GLU A 65 -5.67 8.82 -0.35
CA GLU A 65 -5.73 7.57 -1.08
C GLU A 65 -5.68 6.41 -0.09
N LEU A 66 -4.71 6.50 0.80
CA LEU A 66 -4.55 5.53 1.88
C LEU A 66 -4.58 6.27 3.20
N VAL A 67 -5.19 5.67 4.20
CA VAL A 67 -5.25 6.30 5.50
C VAL A 67 -4.55 5.46 6.55
N GLN A 68 -3.74 6.11 7.37
CA GLN A 68 -3.05 5.47 8.47
C GLN A 68 -3.35 6.19 9.77
N PRO A 69 -4.53 5.92 10.36
CA PRO A 69 -5.01 6.62 11.56
C PRO A 69 -4.00 6.58 12.71
N LYS A 70 -3.45 5.41 12.97
CA LYS A 70 -2.52 5.24 14.08
C LYS A 70 -1.18 5.91 13.78
N GLY A 71 -0.59 5.56 12.65
CA GLY A 71 0.64 6.19 12.24
C GLY A 71 1.34 5.41 11.15
N PRO A 72 2.64 5.66 10.91
CA PRO A 72 3.42 4.97 9.88
C PRO A 72 3.46 3.46 10.09
N SER A 73 3.61 3.05 11.34
CA SER A 73 3.63 1.63 11.69
C SER A 73 2.23 1.14 12.01
N GLY A 74 1.25 2.00 11.79
CA GLY A 74 -0.13 1.65 12.01
C GLY A 74 -0.75 0.95 10.82
N ILE A 75 -1.89 0.32 11.05
CA ILE A 75 -2.60 -0.42 10.02
C ILE A 75 -2.95 0.49 8.83
N ILE A 76 -2.59 0.04 7.64
CA ILE A 76 -2.86 0.80 6.43
C ILE A 76 -4.26 0.47 5.92
N LYS A 77 -5.10 1.47 5.84
CA LYS A 77 -6.47 1.28 5.39
C LYS A 77 -6.69 2.01 4.08
N LEU A 78 -7.36 1.35 3.14
CA LEU A 78 -7.69 1.97 1.87
C LEU A 78 -8.82 2.96 2.08
N ASN A 79 -8.53 4.24 1.82
CA ASN A 79 -9.51 5.29 2.05
C ASN A 79 -10.57 5.27 0.97
N LYS A 80 -11.54 4.37 1.12
CA LYS A 80 -12.62 4.22 0.13
C LYS A 80 -13.65 5.33 0.27
N LYS A 81 -13.16 6.53 0.59
CA LYS A 81 -13.99 7.71 0.61
C LYS A 81 -13.70 8.51 -0.64
N LYS A 82 -12.42 8.60 -0.96
CA LYS A 82 -11.97 9.20 -2.19
C LYS A 82 -11.87 8.12 -3.27
N VAL A 83 -12.23 8.47 -4.49
CA VAL A 83 -12.27 7.52 -5.60
C VAL A 83 -10.91 6.84 -5.81
N LYS A 84 -10.91 5.51 -5.74
CA LYS A 84 -9.69 4.75 -5.92
C LYS A 84 -9.24 4.78 -7.37
N LEU A 85 -7.93 4.82 -7.58
CA LEU A 85 -7.37 4.79 -8.93
C LEU A 85 -7.32 3.35 -9.46
N SER A 86 -6.17 2.95 -10.00
CA SER A 86 -5.98 1.60 -10.52
C SER A 86 -6.98 1.31 -11.63
N THR A 87 -7.03 2.18 -12.64
CA THR A 87 -7.95 2.02 -13.75
C THR A 87 -7.39 2.72 -14.97
N LYS A 1 -8.77 -9.07 -13.60
CA LYS A 1 -7.99 -9.95 -12.71
C LYS A 1 -7.24 -9.14 -11.68
N ALA A 2 -7.35 -9.54 -10.42
CA ALA A 2 -6.74 -8.81 -9.31
C ALA A 2 -5.26 -9.15 -9.14
N SER A 3 -4.55 -9.23 -10.25
CA SER A 3 -3.11 -9.49 -10.22
C SER A 3 -2.35 -8.19 -10.05
N SER A 4 -1.39 -8.19 -9.14
CA SER A 4 -0.56 -7.01 -8.92
C SER A 4 0.72 -7.10 -9.74
N PRO A 5 1.00 -6.10 -10.59
CA PRO A 5 2.18 -6.09 -11.47
C PRO A 5 3.48 -5.85 -10.68
N SER A 6 4.35 -4.99 -11.22
CA SER A 6 5.62 -4.71 -10.56
C SER A 6 6.16 -3.34 -10.98
N SER A 7 6.14 -3.06 -12.27
CA SER A 7 6.64 -1.80 -12.81
C SER A 7 5.66 -0.65 -12.55
N LEU A 8 5.43 -0.36 -11.29
CA LEU A 8 4.49 0.68 -10.89
C LEU A 8 5.13 1.58 -9.85
N THR A 9 4.64 2.81 -9.74
CA THR A 9 5.05 3.70 -8.67
C THR A 9 4.64 3.09 -7.34
N TYR A 10 5.44 3.30 -6.30
CA TYR A 10 5.20 2.68 -5.00
C TYR A 10 3.79 2.91 -4.51
N LYS A 11 3.24 4.09 -4.79
CA LYS A 11 1.86 4.38 -4.42
C LYS A 11 0.90 3.45 -5.16
N GLU A 12 1.02 3.39 -6.48
CA GLU A 12 0.18 2.53 -7.29
C GLU A 12 0.32 1.07 -6.87
N MET A 13 1.54 0.69 -6.50
CA MET A 13 1.83 -0.65 -6.03
C MET A 13 0.97 -1.01 -4.82
N ILE A 14 1.00 -0.16 -3.78
CA ILE A 14 0.25 -0.43 -2.56
C ILE A 14 -1.24 -0.47 -2.84
N LEU A 15 -1.76 0.60 -3.47
CA LEU A 15 -3.16 0.69 -3.81
C LEU A 15 -3.65 -0.54 -4.57
N LYS A 16 -2.77 -1.14 -5.37
CA LYS A 16 -3.11 -2.34 -6.12
C LYS A 16 -3.18 -3.57 -5.21
N SER A 17 -2.21 -3.67 -4.29
CA SER A 17 -2.13 -4.82 -3.40
C SER A 17 -3.14 -4.73 -2.25
N MET A 18 -3.50 -3.51 -1.87
CA MET A 18 -4.39 -3.27 -0.73
C MET A 18 -5.70 -4.06 -0.80
N PRO A 19 -6.46 -4.02 -1.92
CA PRO A 19 -7.74 -4.72 -2.03
C PRO A 19 -7.61 -6.24 -1.86
N GLN A 20 -6.39 -6.75 -2.01
CA GLN A 20 -6.14 -8.17 -1.82
C GLN A 20 -6.11 -8.52 -0.35
N LEU A 21 -5.35 -7.73 0.41
CA LEU A 21 -5.16 -7.95 1.83
C LEU A 21 -6.42 -7.63 2.61
N ASN A 22 -6.92 -8.63 3.33
CA ASN A 22 -8.13 -8.49 4.15
C ASN A 22 -9.29 -7.90 3.34
N ASP A 23 -9.36 -8.29 2.07
CA ASP A 23 -10.41 -7.82 1.15
C ASP A 23 -10.45 -6.29 1.06
N GLY A 24 -9.31 -5.65 1.24
CA GLY A 24 -9.23 -4.21 1.12
C GLY A 24 -9.95 -3.48 2.24
N LYS A 25 -10.07 -4.14 3.39
CA LYS A 25 -10.69 -3.51 4.56
C LYS A 25 -9.66 -2.70 5.31
N GLY A 26 -8.46 -3.24 5.39
CA GLY A 26 -7.35 -2.58 6.06
C GLY A 26 -6.19 -3.53 6.23
N SER A 27 -5.01 -3.08 5.90
CA SER A 27 -3.83 -3.95 5.93
C SER A 27 -2.82 -3.46 6.94
N SER A 28 -2.42 -4.33 7.86
CA SER A 28 -1.39 -4.01 8.82
C SER A 28 -0.05 -3.77 8.11
N ARG A 29 0.78 -2.92 8.70
CA ARG A 29 2.08 -2.56 8.14
C ARG A 29 2.88 -3.80 7.74
N ILE A 30 2.87 -4.81 8.59
CA ILE A 30 3.63 -6.03 8.34
C ILE A 30 3.07 -6.82 7.16
N VAL A 31 1.76 -7.05 7.15
CA VAL A 31 1.13 -7.84 6.08
C VAL A 31 1.28 -7.13 4.73
N LEU A 32 1.21 -5.81 4.74
CA LEU A 32 1.37 -5.03 3.52
C LEU A 32 2.82 -5.09 3.06
N LYS A 33 3.74 -4.85 3.97
CA LYS A 33 5.16 -4.83 3.66
C LYS A 33 5.62 -6.18 3.11
N LYS A 34 5.16 -7.27 3.74
CA LYS A 34 5.53 -8.61 3.30
C LYS A 34 4.94 -8.89 1.92
N TYR A 35 3.72 -8.42 1.69
CA TYR A 35 3.02 -8.64 0.44
C TYR A 35 3.66 -7.84 -0.66
N VAL A 36 3.96 -6.59 -0.34
CA VAL A 36 4.63 -5.69 -1.27
C VAL A 36 6.00 -6.25 -1.65
N LYS A 37 6.74 -6.77 -0.66
CA LYS A 37 8.03 -7.41 -0.92
C LYS A 37 7.88 -8.66 -1.79
N ASP A 38 6.91 -9.50 -1.47
CA ASP A 38 6.74 -10.77 -2.17
C ASP A 38 6.22 -10.57 -3.58
N THR A 39 5.18 -9.75 -3.71
CA THR A 39 4.52 -9.54 -4.99
C THR A 39 5.42 -8.73 -5.93
N TYR A 40 6.01 -7.66 -5.41
CA TYR A 40 6.89 -6.83 -6.19
C TYR A 40 8.35 -7.12 -5.83
N PRO A 41 9.08 -7.85 -6.69
CA PRO A 41 10.47 -8.26 -6.43
C PRO A 41 11.43 -7.07 -6.36
N ILE A 42 10.98 -5.93 -6.84
CA ILE A 42 11.78 -4.73 -6.88
C ILE A 42 12.08 -4.23 -5.47
N VAL A 43 11.04 -4.21 -4.65
CA VAL A 43 11.15 -3.74 -3.29
C VAL A 43 11.92 -4.73 -2.40
N GLY A 44 11.79 -6.01 -2.72
CA GLY A 44 12.52 -7.02 -1.99
C GLY A 44 14.02 -6.85 -2.12
N SER A 45 14.45 -6.55 -3.34
CA SER A 45 15.85 -6.30 -3.62
C SER A 45 16.32 -4.97 -3.03
N ALA A 46 15.43 -3.98 -3.03
CA ALA A 46 15.76 -2.65 -2.53
C ALA A 46 16.13 -2.68 -1.05
N SER A 47 17.31 -2.15 -0.74
CA SER A 47 17.81 -2.14 0.63
C SER A 47 17.11 -1.06 1.46
N ASN A 48 16.94 0.12 0.86
CA ASN A 48 16.26 1.22 1.53
C ASN A 48 14.78 1.25 1.13
N PHE A 49 14.21 0.06 0.98
CA PHE A 49 12.83 -0.11 0.59
C PHE A 49 11.88 0.49 1.62
N ASP A 50 12.10 0.15 2.88
CA ASP A 50 11.18 0.53 3.95
C ASP A 50 10.89 2.03 3.95
N TYR A 51 11.93 2.83 3.76
CA TYR A 51 11.77 4.28 3.69
C TYR A 51 10.89 4.66 2.50
N LEU A 52 11.18 4.07 1.35
CA LEU A 52 10.42 4.34 0.14
C LEU A 52 8.97 3.89 0.30
N PHE A 53 8.81 2.74 0.94
CA PHE A 53 7.49 2.16 1.20
C PHE A 53 6.67 3.09 2.07
N ASN A 54 7.24 3.46 3.22
CA ASN A 54 6.57 4.38 4.14
C ASN A 54 6.38 5.74 3.51
N SER A 55 7.32 6.14 2.68
CA SER A 55 7.26 7.42 1.98
C SER A 55 6.03 7.46 1.07
N ALA A 56 5.75 6.35 0.40
CA ALA A 56 4.57 6.25 -0.45
C ALA A 56 3.30 6.43 0.37
N ILE A 57 3.23 5.76 1.51
CA ILE A 57 2.07 5.85 2.39
C ILE A 57 1.96 7.25 3.00
N LYS A 58 3.11 7.80 3.35
CA LYS A 58 3.18 9.17 3.89
C LYS A 58 2.55 10.15 2.91
N LYS A 59 2.81 9.94 1.63
CA LYS A 59 2.18 10.74 0.59
C LYS A 59 0.72 10.37 0.43
N CYS A 60 0.43 9.07 0.53
CA CYS A 60 -0.93 8.56 0.39
C CYS A 60 -1.88 9.17 1.43
N VAL A 61 -1.45 9.23 2.68
CA VAL A 61 -2.32 9.71 3.75
C VAL A 61 -2.72 11.18 3.56
N GLU A 62 -1.78 12.00 3.08
CA GLU A 62 -2.08 13.41 2.82
C GLU A 62 -2.88 13.56 1.53
N ASN A 63 -2.55 12.73 0.55
CA ASN A 63 -3.23 12.74 -0.75
C ASN A 63 -4.65 12.20 -0.64
N GLY A 64 -4.85 11.29 0.29
CA GLY A 64 -6.13 10.64 0.45
C GLY A 64 -6.21 9.35 -0.35
N GLU A 65 -5.05 8.76 -0.58
CA GLU A 65 -4.96 7.47 -1.25
C GLU A 65 -5.15 6.35 -0.24
N LEU A 66 -4.40 6.46 0.86
CA LEU A 66 -4.49 5.53 1.96
C LEU A 66 -4.70 6.30 3.24
N VAL A 67 -5.47 5.76 4.16
CA VAL A 67 -5.64 6.38 5.46
C VAL A 67 -5.06 5.49 6.54
N GLN A 68 -4.23 6.09 7.38
CA GLN A 68 -3.62 5.38 8.49
C GLN A 68 -4.09 6.00 9.80
N PRO A 69 -5.11 5.40 10.43
CA PRO A 69 -5.71 5.93 11.66
C PRO A 69 -4.70 6.05 12.80
N LYS A 70 -3.84 5.04 12.92
CA LYS A 70 -2.80 5.05 13.94
C LYS A 70 -1.61 5.90 13.48
N GLY A 71 -0.90 5.40 12.49
CA GLY A 71 0.23 6.12 11.93
C GLY A 71 1.05 5.23 11.03
N PRO A 72 2.35 5.55 10.83
CA PRO A 72 3.24 4.75 9.99
C PRO A 72 3.29 3.28 10.40
N SER A 73 3.47 3.03 11.69
CA SER A 73 3.46 1.68 12.22
C SER A 73 2.03 1.29 12.61
N GLY A 74 1.12 1.41 11.66
CA GLY A 74 -0.27 1.15 11.93
C GLY A 74 -1.00 0.71 10.69
N ILE A 75 -2.16 0.11 10.89
CA ILE A 75 -2.93 -0.48 9.79
C ILE A 75 -3.24 0.55 8.71
N ILE A 76 -2.87 0.20 7.49
CA ILE A 76 -3.14 1.01 6.33
C ILE A 76 -4.51 0.65 5.77
N LYS A 77 -5.39 1.62 5.66
CA LYS A 77 -6.67 1.38 5.03
C LYS A 77 -6.75 2.15 3.72
N LEU A 78 -7.27 1.51 2.70
CA LEU A 78 -7.43 2.15 1.41
C LEU A 78 -8.57 3.17 1.53
N ASN A 79 -8.23 4.44 1.41
CA ASN A 79 -9.21 5.49 1.61
C ASN A 79 -10.31 5.39 0.58
N LYS A 80 -11.54 5.20 1.06
CA LYS A 80 -12.68 4.99 0.18
C LYS A 80 -13.17 6.31 -0.42
N LYS A 81 -12.28 6.98 -1.15
CA LYS A 81 -12.62 8.22 -1.83
C LYS A 81 -13.40 7.93 -3.11
N LYS A 82 -14.56 7.31 -2.95
CA LYS A 82 -15.42 6.93 -4.08
C LYS A 82 -14.77 5.79 -4.86
N VAL A 83 -14.43 4.73 -4.15
CA VAL A 83 -13.83 3.57 -4.76
C VAL A 83 -14.90 2.65 -5.33
N LYS A 84 -14.78 2.36 -6.61
CA LYS A 84 -15.73 1.50 -7.30
C LYS A 84 -15.47 0.03 -6.96
N LEU A 85 -16.53 -0.71 -6.70
CA LEU A 85 -16.43 -2.13 -6.37
C LEU A 85 -16.18 -2.96 -7.63
N SER A 86 -15.16 -2.59 -8.38
CA SER A 86 -14.84 -3.23 -9.64
C SER A 86 -14.44 -4.69 -9.42
N THR A 87 -14.98 -5.57 -10.25
CA THR A 87 -14.69 -6.99 -10.16
C THR A 87 -13.23 -7.26 -10.50
N LYS A 1 0.11 -16.73 -10.00
CA LYS A 1 0.51 -15.37 -10.46
C LYS A 1 0.25 -14.35 -9.37
N ALA A 2 1.19 -13.42 -9.20
CA ALA A 2 1.02 -12.33 -8.26
C ALA A 2 -0.07 -11.38 -8.76
N SER A 3 -0.95 -10.98 -7.86
CA SER A 3 -2.07 -10.11 -8.25
C SER A 3 -1.55 -8.72 -8.59
N SER A 4 -0.70 -8.19 -7.73
CA SER A 4 -0.06 -6.90 -7.99
C SER A 4 1.00 -7.06 -9.08
N PRO A 5 0.98 -6.17 -10.08
CA PRO A 5 1.88 -6.25 -11.24
C PRO A 5 3.35 -5.93 -10.89
N SER A 6 4.05 -5.25 -11.80
CA SER A 6 5.46 -4.97 -11.61
C SER A 6 5.86 -3.69 -12.37
N SER A 7 7.00 -3.12 -11.99
CA SER A 7 7.52 -1.90 -12.60
C SER A 7 6.57 -0.72 -12.39
N LEU A 8 6.16 -0.55 -11.13
CA LEU A 8 5.28 0.54 -10.76
C LEU A 8 5.85 1.30 -9.57
N THR A 9 5.34 2.50 -9.36
CA THR A 9 5.74 3.32 -8.23
C THR A 9 5.37 2.61 -6.92
N TYR A 10 6.13 2.85 -5.87
CA TYR A 10 5.90 2.20 -4.58
C TYR A 10 4.46 2.41 -4.10
N LYS A 11 3.94 3.61 -4.37
CA LYS A 11 2.54 3.94 -4.05
C LYS A 11 1.59 3.01 -4.81
N GLU A 12 1.84 2.82 -6.10
CA GLU A 12 1.00 1.98 -6.95
C GLU A 12 0.98 0.54 -6.46
N MET A 13 2.11 0.11 -5.92
CA MET A 13 2.23 -1.25 -5.40
C MET A 13 1.20 -1.51 -4.32
N ILE A 14 1.11 -0.59 -3.37
CA ILE A 14 0.15 -0.71 -2.27
C ILE A 14 -1.27 -0.55 -2.77
N LEU A 15 -1.49 0.43 -3.64
CA LEU A 15 -2.82 0.70 -4.17
C LEU A 15 -3.44 -0.55 -4.78
N LYS A 16 -2.62 -1.33 -5.46
CA LYS A 16 -3.06 -2.60 -6.04
C LYS A 16 -3.27 -3.66 -4.96
N SER A 17 -2.34 -3.70 -4.02
CA SER A 17 -2.35 -4.72 -2.95
C SER A 17 -3.51 -4.51 -1.97
N MET A 18 -3.92 -3.26 -1.78
CA MET A 18 -4.96 -2.92 -0.80
C MET A 18 -6.22 -3.77 -0.96
N PRO A 19 -6.88 -3.77 -2.14
CA PRO A 19 -8.10 -4.56 -2.37
C PRO A 19 -7.86 -6.05 -2.15
N GLN A 20 -6.63 -6.47 -2.39
CA GLN A 20 -6.25 -7.87 -2.23
C GLN A 20 -6.22 -8.26 -0.75
N LEU A 21 -5.72 -7.35 0.07
CA LEU A 21 -5.59 -7.59 1.50
C LEU A 21 -6.83 -7.14 2.27
N ASN A 22 -7.51 -8.10 2.89
CA ASN A 22 -8.71 -7.84 3.71
C ASN A 22 -9.75 -7.02 2.96
N ASP A 23 -9.86 -7.24 1.65
CA ASP A 23 -10.82 -6.52 0.81
C ASP A 23 -10.64 -5.00 0.93
N GLY A 24 -9.40 -4.57 1.10
CA GLY A 24 -9.10 -3.16 1.18
C GLY A 24 -9.66 -2.48 2.42
N LYS A 25 -9.99 -3.25 3.44
CA LYS A 25 -10.47 -2.68 4.69
C LYS A 25 -9.32 -2.08 5.48
N GLY A 26 -8.21 -2.81 5.50
CA GLY A 26 -7.04 -2.36 6.23
C GLY A 26 -6.02 -3.47 6.35
N SER A 27 -4.75 -3.12 6.32
CA SER A 27 -3.69 -4.10 6.36
C SER A 27 -2.51 -3.60 7.17
N SER A 28 -2.00 -4.44 8.05
CA SER A 28 -0.85 -4.11 8.87
C SER A 28 0.36 -3.83 7.99
N ARG A 29 1.20 -2.89 8.41
CA ARG A 29 2.42 -2.56 7.67
C ARG A 29 3.25 -3.81 7.43
N ILE A 30 3.29 -4.69 8.43
CA ILE A 30 4.04 -5.93 8.35
C ILE A 30 3.51 -6.83 7.22
N VAL A 31 2.19 -7.03 7.17
CA VAL A 31 1.59 -7.89 6.16
C VAL A 31 1.60 -7.21 4.79
N LEU A 32 1.44 -5.89 4.79
CA LEU A 32 1.45 -5.12 3.56
C LEU A 32 2.82 -5.16 2.92
N LYS A 33 3.85 -4.87 3.70
CA LYS A 33 5.23 -4.88 3.23
C LYS A 33 5.58 -6.27 2.71
N LYS A 34 5.05 -7.29 3.39
CA LYS A 34 5.19 -8.68 2.95
C LYS A 34 4.63 -8.86 1.54
N TYR A 35 3.46 -8.30 1.31
CA TYR A 35 2.76 -8.42 0.03
C TYR A 35 3.47 -7.61 -1.04
N VAL A 36 3.84 -6.40 -0.66
CA VAL A 36 4.54 -5.47 -1.53
C VAL A 36 5.83 -6.12 -2.05
N LYS A 37 6.58 -6.73 -1.16
CA LYS A 37 7.80 -7.46 -1.53
C LYS A 37 7.48 -8.68 -2.38
N ASP A 38 6.45 -9.42 -1.97
CA ASP A 38 6.12 -10.70 -2.59
C ASP A 38 5.71 -10.53 -4.05
N THR A 39 4.91 -9.49 -4.31
CA THR A 39 4.44 -9.23 -5.65
C THR A 39 5.50 -8.53 -6.49
N TYR A 40 6.18 -7.56 -5.89
CA TYR A 40 7.24 -6.84 -6.57
C TYR A 40 8.61 -7.26 -6.03
N PRO A 41 9.34 -8.11 -6.76
CA PRO A 41 10.69 -8.54 -6.38
C PRO A 41 11.65 -7.36 -6.30
N ILE A 42 11.41 -6.36 -7.16
CA ILE A 42 12.23 -5.17 -7.21
C ILE A 42 12.19 -4.37 -5.91
N VAL A 43 11.01 -4.34 -5.29
CA VAL A 43 10.84 -3.55 -4.08
C VAL A 43 11.33 -4.33 -2.86
N GLY A 44 11.12 -5.64 -2.88
CA GLY A 44 11.61 -6.48 -1.80
C GLY A 44 13.07 -6.84 -1.96
N SER A 45 13.87 -5.88 -2.38
CA SER A 45 15.29 -6.09 -2.60
C SER A 45 16.00 -4.74 -2.59
N ALA A 46 15.76 -3.97 -1.54
CA ALA A 46 16.34 -2.64 -1.41
C ALA A 46 16.61 -2.32 0.05
N SER A 47 17.67 -1.57 0.30
CA SER A 47 18.04 -1.19 1.64
C SER A 47 17.12 -0.09 2.17
N ASN A 48 16.99 0.98 1.39
CA ASN A 48 16.06 2.05 1.71
C ASN A 48 14.67 1.71 1.17
N PHE A 49 14.19 0.55 1.59
CA PHE A 49 12.92 0.03 1.11
C PHE A 49 11.77 0.51 1.99
N ASP A 50 11.82 0.18 3.27
CA ASP A 50 10.73 0.48 4.19
C ASP A 50 10.49 1.98 4.27
N TYR A 51 11.57 2.75 4.20
CA TYR A 51 11.46 4.20 4.21
C TYR A 51 10.66 4.69 3.00
N LEU A 52 11.00 4.19 1.81
CA LEU A 52 10.28 4.57 0.60
C LEU A 52 8.87 4.01 0.62
N PHE A 53 8.74 2.78 1.11
CA PHE A 53 7.44 2.14 1.31
C PHE A 53 6.56 3.02 2.18
N ASN A 54 7.12 3.46 3.29
CA ASN A 54 6.45 4.36 4.22
C ASN A 54 6.14 5.70 3.58
N SER A 55 7.09 6.21 2.83
CA SER A 55 6.96 7.53 2.21
C SER A 55 5.89 7.53 1.14
N ALA A 56 5.71 6.39 0.48
CA ALA A 56 4.64 6.22 -0.48
C ALA A 56 3.30 6.37 0.23
N ILE A 57 3.20 5.76 1.41
CA ILE A 57 2.00 5.88 2.24
C ILE A 57 1.86 7.31 2.75
N LYS A 58 2.99 7.91 3.09
CA LYS A 58 3.05 9.28 3.57
C LYS A 58 2.42 10.22 2.54
N LYS A 59 2.69 9.96 1.27
CA LYS A 59 2.09 10.72 0.19
C LYS A 59 0.61 10.38 0.08
N CYS A 60 0.30 9.10 0.24
CA CYS A 60 -1.07 8.61 0.13
C CYS A 60 -1.99 9.22 1.17
N VAL A 61 -1.50 9.42 2.39
CA VAL A 61 -2.34 9.96 3.46
C VAL A 61 -2.76 11.40 3.14
N GLU A 62 -1.87 12.15 2.49
CA GLU A 62 -2.19 13.50 2.03
C GLU A 62 -3.13 13.42 0.85
N ASN A 63 -2.80 12.53 -0.06
CA ASN A 63 -3.59 12.28 -1.26
C ASN A 63 -4.99 11.76 -0.92
N GLY A 64 -5.12 11.18 0.26
CA GLY A 64 -6.38 10.60 0.67
C GLY A 64 -6.63 9.25 0.03
N GLU A 65 -5.55 8.54 -0.28
CA GLU A 65 -5.65 7.22 -0.86
C GLU A 65 -5.53 6.15 0.23
N LEU A 66 -4.47 6.26 1.02
CA LEU A 66 -4.28 5.38 2.17
C LEU A 66 -4.44 6.18 3.44
N VAL A 67 -5.19 5.65 4.38
CA VAL A 67 -5.33 6.31 5.67
C VAL A 67 -4.63 5.53 6.76
N GLN A 68 -3.90 6.24 7.59
CA GLN A 68 -3.15 5.65 8.68
C GLN A 68 -3.52 6.31 10.00
N PRO A 69 -4.62 5.85 10.62
CA PRO A 69 -5.17 6.46 11.84
C PRO A 69 -4.22 6.34 13.03
N LYS A 70 -3.59 5.17 13.17
CA LYS A 70 -2.75 4.91 14.33
C LYS A 70 -1.43 5.65 14.26
N GLY A 71 -0.62 5.36 13.25
CA GLY A 71 0.67 6.02 13.12
C GLY A 71 1.55 5.38 12.07
N PRO A 72 2.83 5.14 12.39
CA PRO A 72 3.80 4.60 11.42
C PRO A 72 3.47 3.18 10.97
N SER A 73 3.38 2.24 11.90
CA SER A 73 3.03 0.87 11.56
C SER A 73 1.51 0.76 11.41
N GLY A 74 0.81 1.00 12.51
CA GLY A 74 -0.65 1.11 12.49
C GLY A 74 -1.33 0.06 11.65
N ILE A 75 -2.13 0.54 10.70
CA ILE A 75 -2.82 -0.31 9.75
C ILE A 75 -3.24 0.51 8.55
N ILE A 76 -2.66 0.18 7.40
CA ILE A 76 -2.92 0.92 6.18
C ILE A 76 -4.29 0.55 5.64
N LYS A 77 -5.19 1.51 5.62
CA LYS A 77 -6.54 1.27 5.19
C LYS A 77 -6.81 2.00 3.89
N LEU A 78 -7.38 1.30 2.92
CA LEU A 78 -7.72 1.91 1.64
C LEU A 78 -8.88 2.87 1.84
N ASN A 79 -8.57 4.16 1.79
CA ASN A 79 -9.55 5.20 2.05
C ASN A 79 -10.53 5.31 0.89
N LYS A 80 -11.81 5.30 1.22
CA LYS A 80 -12.83 5.49 0.21
C LYS A 80 -13.85 6.53 0.69
N LYS A 81 -13.34 7.55 1.37
CA LYS A 81 -14.13 8.71 1.74
C LYS A 81 -14.24 9.64 0.55
N LYS A 82 -14.80 9.11 -0.53
CA LYS A 82 -14.85 9.79 -1.81
C LYS A 82 -15.45 11.19 -1.67
N VAL A 83 -14.79 12.17 -2.27
CA VAL A 83 -15.34 13.51 -2.36
C VAL A 83 -16.18 13.62 -3.62
N LYS A 84 -17.35 14.26 -3.50
CA LYS A 84 -18.33 14.33 -4.57
C LYS A 84 -18.99 12.96 -4.78
N LEU A 85 -20.26 12.97 -5.12
CA LEU A 85 -21.03 11.73 -5.22
C LEU A 85 -20.49 10.81 -6.31
N SER A 86 -20.09 11.40 -7.42
CA SER A 86 -19.55 10.63 -8.54
C SER A 86 -18.12 10.19 -8.27
N THR A 87 -17.92 8.89 -8.16
CA THR A 87 -16.60 8.28 -7.98
C THR A 87 -16.68 6.80 -8.29
N LYS A 1 -7.97 -13.64 -11.35
CA LYS A 1 -6.50 -13.61 -11.51
C LYS A 1 -5.97 -12.19 -11.45
N ALA A 2 -6.44 -11.42 -10.48
CA ALA A 2 -5.98 -10.06 -10.28
C ALA A 2 -5.11 -9.97 -9.04
N SER A 3 -3.95 -9.36 -9.18
CA SER A 3 -3.03 -9.18 -8.08
C SER A 3 -2.06 -8.04 -8.37
N SER A 4 -1.00 -7.96 -7.58
CA SER A 4 0.00 -6.91 -7.74
C SER A 4 0.96 -7.26 -8.88
N PRO A 5 1.23 -6.31 -9.77
CA PRO A 5 2.13 -6.52 -10.92
C PRO A 5 3.59 -6.64 -10.50
N SER A 6 4.50 -6.22 -11.38
CA SER A 6 5.92 -6.31 -11.09
C SER A 6 6.53 -4.94 -10.84
N SER A 7 6.07 -3.94 -11.59
CA SER A 7 6.61 -2.60 -11.47
C SER A 7 5.48 -1.56 -11.42
N LEU A 8 5.57 -0.68 -10.45
CA LEU A 8 4.60 0.39 -10.25
C LEU A 8 5.21 1.45 -9.36
N THR A 9 4.56 2.59 -9.26
CA THR A 9 4.96 3.57 -8.26
C THR A 9 4.68 3.00 -6.88
N TYR A 10 5.55 3.28 -5.92
CA TYR A 10 5.39 2.72 -4.58
C TYR A 10 4.02 3.07 -4.01
N LYS A 11 3.53 4.24 -4.38
CA LYS A 11 2.18 4.65 -4.02
C LYS A 11 1.13 3.72 -4.64
N GLU A 12 1.29 3.43 -5.93
CA GLU A 12 0.37 2.55 -6.63
C GLU A 12 0.47 1.12 -6.11
N MET A 13 1.68 0.71 -5.76
CA MET A 13 1.94 -0.63 -5.24
C MET A 13 0.99 -0.96 -4.09
N ILE A 14 0.91 -0.06 -3.13
CA ILE A 14 0.05 -0.25 -1.97
C ILE A 14 -1.43 -0.28 -2.37
N LEU A 15 -1.88 0.76 -3.06
CA LEU A 15 -3.26 0.84 -3.51
C LEU A 15 -3.67 -0.36 -4.36
N LYS A 16 -2.71 -1.01 -4.99
CA LYS A 16 -2.98 -2.16 -5.83
C LYS A 16 -3.07 -3.44 -4.98
N SER A 17 -2.25 -3.53 -3.94
CA SER A 17 -2.27 -4.67 -3.04
C SER A 17 -3.44 -4.58 -2.04
N MET A 18 -3.86 -3.35 -1.75
CA MET A 18 -4.91 -3.11 -0.76
C MET A 18 -6.21 -3.87 -1.02
N PRO A 19 -6.79 -3.81 -2.25
CA PRO A 19 -8.07 -4.45 -2.54
C PRO A 19 -8.04 -5.96 -2.32
N GLN A 20 -6.93 -6.60 -2.67
CA GLN A 20 -6.80 -8.03 -2.53
C GLN A 20 -6.56 -8.41 -1.07
N LEU A 21 -5.76 -7.62 -0.37
CA LEU A 21 -5.48 -7.86 1.05
C LEU A 21 -6.72 -7.72 1.91
N ASN A 22 -7.14 -8.84 2.50
CA ASN A 22 -8.30 -8.90 3.40
C ASN A 22 -9.54 -8.30 2.73
N ASP A 23 -9.66 -8.51 1.43
CA ASP A 23 -10.79 -7.98 0.65
C ASP A 23 -10.86 -6.45 0.78
N GLY A 24 -9.70 -5.82 0.89
CA GLY A 24 -9.63 -4.36 0.95
C GLY A 24 -10.09 -3.79 2.28
N LYS A 25 -9.97 -4.56 3.35
CA LYS A 25 -10.31 -4.07 4.69
C LYS A 25 -9.19 -3.21 5.25
N GLY A 26 -7.96 -3.64 5.03
CA GLY A 26 -6.82 -2.96 5.60
C GLY A 26 -5.75 -3.94 6.03
N SER A 27 -4.52 -3.46 6.12
CA SER A 27 -3.41 -4.33 6.52
C SER A 27 -2.33 -3.51 7.20
N SER A 28 -1.79 -4.04 8.30
CA SER A 28 -0.74 -3.36 9.04
C SER A 28 0.55 -3.31 8.24
N ARG A 29 1.39 -2.30 8.52
CA ARG A 29 2.60 -2.05 7.74
C ARG A 29 3.47 -3.30 7.59
N ILE A 30 3.63 -4.07 8.65
CA ILE A 30 4.46 -5.28 8.59
C ILE A 30 3.87 -6.28 7.60
N VAL A 31 2.55 -6.43 7.62
CA VAL A 31 1.86 -7.31 6.67
C VAL A 31 2.01 -6.78 5.25
N LEU A 32 1.75 -5.49 5.10
CA LEU A 32 1.82 -4.84 3.79
C LEU A 32 3.22 -4.92 3.22
N LYS A 33 4.21 -4.70 4.08
CA LYS A 33 5.61 -4.76 3.69
C LYS A 33 5.95 -6.13 3.10
N LYS A 34 5.48 -7.18 3.76
CA LYS A 34 5.69 -8.54 3.28
C LYS A 34 5.07 -8.73 1.89
N TYR A 35 3.91 -8.13 1.69
CA TYR A 35 3.18 -8.27 0.46
C TYR A 35 3.86 -7.49 -0.66
N VAL A 36 4.15 -6.24 -0.37
CA VAL A 36 4.81 -5.35 -1.32
C VAL A 36 6.17 -5.93 -1.74
N LYS A 37 6.92 -6.48 -0.77
CA LYS A 37 8.19 -7.14 -1.07
C LYS A 37 8.02 -8.38 -1.94
N ASP A 38 7.04 -9.21 -1.60
CA ASP A 38 6.87 -10.50 -2.25
C ASP A 38 6.27 -10.38 -3.64
N THR A 39 5.21 -9.58 -3.76
CA THR A 39 4.53 -9.44 -5.04
C THR A 39 5.42 -8.72 -6.05
N TYR A 40 6.00 -7.60 -5.65
CA TYR A 40 6.93 -6.86 -6.50
C TYR A 40 8.36 -7.29 -6.19
N PRO A 41 8.99 -8.07 -7.08
CA PRO A 41 10.35 -8.60 -6.86
C PRO A 41 11.38 -7.49 -6.68
N ILE A 42 11.20 -6.39 -7.40
CA ILE A 42 12.08 -5.24 -7.27
C ILE A 42 12.06 -4.70 -5.84
N VAL A 43 10.87 -4.71 -5.23
CA VAL A 43 10.71 -4.28 -3.85
C VAL A 43 11.42 -5.22 -2.88
N GLY A 44 11.21 -6.51 -3.06
CA GLY A 44 11.83 -7.50 -2.20
C GLY A 44 13.34 -7.41 -2.21
N SER A 45 13.90 -7.15 -3.39
CA SER A 45 15.33 -7.05 -3.56
C SER A 45 15.85 -5.67 -3.12
N ALA A 46 14.98 -4.66 -3.17
CA ALA A 46 15.38 -3.29 -2.85
C ALA A 46 15.89 -3.17 -1.41
N SER A 47 16.98 -2.43 -1.25
CA SER A 47 17.61 -2.26 0.05
C SER A 47 16.88 -1.23 0.91
N ASN A 48 16.83 0.01 0.44
CA ASN A 48 16.20 1.10 1.18
C ASN A 48 14.71 1.19 0.88
N PHE A 49 14.10 0.02 0.68
CA PHE A 49 12.67 -0.06 0.42
C PHE A 49 11.84 0.46 1.60
N ASP A 50 12.14 -0.04 2.79
CA ASP A 50 11.35 0.27 3.98
C ASP A 50 11.13 1.77 4.14
N TYR A 51 12.18 2.55 3.96
CA TYR A 51 12.07 4.00 4.05
C TYR A 51 11.13 4.55 2.99
N LEU A 52 11.29 4.08 1.76
CA LEU A 52 10.47 4.52 0.64
C LEU A 52 9.03 4.08 0.85
N PHE A 53 8.87 2.92 1.44
CA PHE A 53 7.56 2.34 1.72
C PHE A 53 6.74 3.29 2.59
N ASN A 54 7.32 3.73 3.69
CA ASN A 54 6.67 4.68 4.59
C ASN A 54 6.37 5.99 3.87
N SER A 55 7.30 6.40 3.02
CA SER A 55 7.14 7.61 2.24
C SER A 55 5.98 7.47 1.26
N ALA A 56 5.84 6.28 0.68
CA ALA A 56 4.73 5.98 -0.21
C ALA A 56 3.40 6.08 0.52
N ILE A 57 3.35 5.50 1.72
CA ILE A 57 2.15 5.56 2.54
C ILE A 57 1.82 7.00 2.90
N LYS A 58 2.85 7.74 3.32
CA LYS A 58 2.70 9.12 3.71
C LYS A 58 2.21 9.97 2.52
N LYS A 59 2.70 9.65 1.34
CA LYS A 59 2.29 10.32 0.12
C LYS A 59 0.82 10.00 -0.18
N CYS A 60 0.42 8.78 0.15
CA CYS A 60 -0.93 8.31 -0.05
C CYS A 60 -1.90 8.99 0.93
N VAL A 61 -1.50 9.12 2.19
CA VAL A 61 -2.38 9.67 3.22
C VAL A 61 -2.68 11.16 2.97
N GLU A 62 -1.67 11.91 2.55
CA GLU A 62 -1.86 13.33 2.23
C GLU A 62 -2.74 13.45 0.98
N ASN A 63 -2.55 12.52 0.06
CA ASN A 63 -3.32 12.46 -1.16
C ASN A 63 -4.77 12.08 -0.89
N GLY A 64 -4.98 11.37 0.21
CA GLY A 64 -6.33 10.94 0.57
C GLY A 64 -6.68 9.60 -0.03
N GLU A 65 -5.72 9.01 -0.73
CA GLU A 65 -5.89 7.68 -1.33
C GLU A 65 -5.88 6.61 -0.24
N LEU A 66 -5.09 6.88 0.78
CA LEU A 66 -4.84 5.93 1.84
C LEU A 66 -5.03 6.60 3.19
N VAL A 67 -5.62 5.90 4.13
CA VAL A 67 -5.84 6.45 5.46
C VAL A 67 -5.07 5.67 6.51
N GLN A 68 -4.47 6.39 7.44
CA GLN A 68 -3.66 5.81 8.49
C GLN A 68 -4.11 6.30 9.86
N PRO A 69 -5.20 5.73 10.39
CA PRO A 69 -5.78 6.15 11.66
C PRO A 69 -4.93 5.70 12.85
N LYS A 70 -4.40 4.49 12.76
CA LYS A 70 -3.60 3.91 13.83
C LYS A 70 -2.12 4.25 13.65
N GLY A 71 -1.85 5.35 12.95
CA GLY A 71 -0.47 5.74 12.70
C GLY A 71 0.20 4.86 11.66
N PRO A 72 1.42 5.21 11.24
CA PRO A 72 2.16 4.48 10.20
C PRO A 72 2.31 2.99 10.52
N SER A 73 2.59 2.68 11.78
CA SER A 73 2.79 1.29 12.20
C SER A 73 1.45 0.59 12.44
N GLY A 74 0.36 1.31 12.29
CA GLY A 74 -0.95 0.73 12.50
C GLY A 74 -1.47 -0.02 11.29
N ILE A 75 -2.74 0.19 10.98
CA ILE A 75 -3.36 -0.48 9.87
C ILE A 75 -3.55 0.46 8.68
N ILE A 76 -2.97 0.08 7.55
CA ILE A 76 -3.12 0.83 6.32
C ILE A 76 -4.47 0.48 5.69
N LYS A 77 -5.35 1.46 5.57
CA LYS A 77 -6.66 1.22 4.98
C LYS A 77 -6.82 2.03 3.70
N LEU A 78 -7.41 1.42 2.69
CA LEU A 78 -7.58 2.07 1.40
C LEU A 78 -8.80 2.98 1.42
N ASN A 79 -8.57 4.28 1.31
CA ASN A 79 -9.66 5.23 1.21
C ASN A 79 -10.12 5.32 -0.24
N LYS A 80 -9.15 5.26 -1.15
CA LYS A 80 -9.41 5.28 -2.58
C LYS A 80 -10.17 6.54 -2.97
N LYS A 81 -9.50 7.67 -2.82
CA LYS A 81 -10.13 8.96 -3.10
C LYS A 81 -10.33 9.15 -4.60
N LYS A 82 -9.51 8.44 -5.39
CA LYS A 82 -9.62 8.47 -6.85
C LYS A 82 -10.84 7.67 -7.31
N VAL A 83 -11.99 8.00 -6.76
CA VAL A 83 -13.24 7.32 -7.08
C VAL A 83 -13.53 7.41 -8.58
N LYS A 84 -13.89 6.26 -9.15
CA LYS A 84 -14.20 6.17 -10.58
C LYS A 84 -14.82 4.82 -10.87
N LEU A 85 -15.58 4.73 -11.94
CA LEU A 85 -16.22 3.48 -12.33
C LEU A 85 -15.16 2.43 -12.63
N SER A 86 -15.34 1.23 -12.08
CA SER A 86 -14.37 0.16 -12.23
C SER A 86 -14.92 -1.13 -11.65
N THR A 87 -14.78 -2.21 -12.41
CA THR A 87 -15.25 -3.53 -11.98
C THR A 87 -14.46 -4.61 -12.73
N LYS A 1 -2.51 -11.79 -16.81
CA LYS A 1 -2.02 -10.83 -15.80
C LYS A 1 -2.66 -11.10 -14.44
N ALA A 2 -1.83 -11.14 -13.40
CA ALA A 2 -2.31 -11.28 -12.04
C ALA A 2 -2.90 -9.95 -11.55
N SER A 3 -3.65 -9.99 -10.46
CA SER A 3 -4.25 -8.77 -9.91
C SER A 3 -3.17 -7.79 -9.48
N SER A 4 -2.15 -8.29 -8.78
CA SER A 4 -1.00 -7.47 -8.44
C SER A 4 0.08 -7.66 -9.50
N PRO A 5 0.54 -6.55 -10.11
CA PRO A 5 1.54 -6.59 -11.19
C PRO A 5 2.96 -6.84 -10.68
N SER A 6 3.95 -6.23 -11.31
CA SER A 6 5.33 -6.42 -10.92
C SER A 6 6.10 -5.10 -10.97
N SER A 7 5.84 -4.31 -12.00
CA SER A 7 6.51 -3.02 -12.15
C SER A 7 5.53 -1.87 -12.01
N LEU A 8 5.82 -0.97 -11.07
CA LEU A 8 5.02 0.21 -10.79
C LEU A 8 5.81 1.16 -9.92
N THR A 9 5.20 2.28 -9.57
CA THR A 9 5.76 3.15 -8.56
C THR A 9 5.36 2.60 -7.20
N TYR A 10 6.21 2.78 -6.20
CA TYR A 10 5.97 2.21 -4.86
C TYR A 10 4.57 2.55 -4.36
N LYS A 11 4.17 3.80 -4.57
CA LYS A 11 2.86 4.27 -4.18
C LYS A 11 1.76 3.52 -4.94
N GLU A 12 1.99 3.29 -6.23
CA GLU A 12 1.03 2.58 -7.08
C GLU A 12 0.90 1.11 -6.66
N MET A 13 2.01 0.54 -6.22
CA MET A 13 2.03 -0.86 -5.79
C MET A 13 1.06 -1.09 -4.65
N ILE A 14 1.15 -0.22 -3.64
CA ILE A 14 0.28 -0.33 -2.48
C ILE A 14 -1.18 -0.13 -2.86
N LEU A 15 -1.43 0.81 -3.76
CA LEU A 15 -2.79 1.10 -4.22
C LEU A 15 -3.46 -0.15 -4.78
N LYS A 16 -2.69 -0.98 -5.46
CA LYS A 16 -3.23 -2.20 -6.05
C LYS A 16 -3.22 -3.35 -5.04
N SER A 17 -2.23 -3.35 -4.16
CA SER A 17 -2.10 -4.39 -3.14
C SER A 17 -3.19 -4.28 -2.07
N MET A 18 -3.56 -3.04 -1.71
CA MET A 18 -4.55 -2.79 -0.68
C MET A 18 -5.87 -3.55 -0.91
N PRO A 19 -6.49 -3.45 -2.12
CA PRO A 19 -7.74 -4.17 -2.41
C PRO A 19 -7.63 -5.67 -2.17
N GLN A 20 -6.45 -6.23 -2.40
CA GLN A 20 -6.23 -7.66 -2.23
C GLN A 20 -6.30 -8.03 -0.75
N LEU A 21 -5.67 -7.21 0.07
CA LEU A 21 -5.59 -7.45 1.50
C LEU A 21 -6.90 -7.14 2.20
N ASN A 22 -7.60 -8.20 2.62
CA ASN A 22 -8.89 -8.09 3.33
C ASN A 22 -9.90 -7.27 2.54
N ASP A 23 -9.84 -7.39 1.21
CA ASP A 23 -10.74 -6.64 0.33
C ASP A 23 -10.58 -5.14 0.53
N GLY A 24 -9.35 -4.72 0.81
CA GLY A 24 -9.04 -3.31 0.96
C GLY A 24 -9.65 -2.71 2.22
N LYS A 25 -9.75 -3.50 3.28
CA LYS A 25 -10.24 -2.97 4.55
C LYS A 25 -9.10 -2.35 5.35
N GLY A 26 -7.96 -3.02 5.34
CA GLY A 26 -6.84 -2.56 6.12
C GLY A 26 -5.88 -3.69 6.45
N SER A 27 -4.60 -3.37 6.59
CA SER A 27 -3.59 -4.36 6.90
C SER A 27 -2.41 -3.71 7.62
N SER A 28 -1.85 -4.44 8.57
CA SER A 28 -0.70 -3.95 9.33
C SER A 28 0.51 -3.74 8.41
N ARG A 29 1.35 -2.77 8.76
CA ARG A 29 2.46 -2.35 7.91
C ARG A 29 3.32 -3.53 7.47
N ILE A 30 3.62 -4.43 8.40
CA ILE A 30 4.45 -5.59 8.08
C ILE A 30 3.77 -6.51 7.06
N VAL A 31 2.46 -6.70 7.22
CA VAL A 31 1.69 -7.54 6.28
C VAL A 31 1.70 -6.92 4.88
N LEU A 32 1.46 -5.63 4.81
CA LEU A 32 1.47 -4.91 3.54
C LEU A 32 2.86 -4.98 2.92
N LYS A 33 3.87 -4.67 3.71
CA LYS A 33 5.25 -4.72 3.28
C LYS A 33 5.63 -6.11 2.79
N LYS A 34 5.16 -7.12 3.53
CA LYS A 34 5.34 -8.51 3.14
C LYS A 34 4.71 -8.77 1.78
N TYR A 35 3.54 -8.20 1.55
CA TYR A 35 2.81 -8.42 0.32
C TYR A 35 3.48 -7.71 -0.84
N VAL A 36 3.90 -6.48 -0.58
CA VAL A 36 4.61 -5.67 -1.57
C VAL A 36 5.90 -6.38 -1.98
N LYS A 37 6.63 -6.91 -1.00
CA LYS A 37 7.84 -7.69 -1.27
C LYS A 37 7.51 -9.01 -1.96
N ASP A 38 6.41 -9.63 -1.54
CA ASP A 38 5.99 -10.94 -2.06
C ASP A 38 5.66 -10.84 -3.54
N THR A 39 4.83 -9.86 -3.89
CA THR A 39 4.39 -9.69 -5.27
C THR A 39 5.45 -8.99 -6.12
N TYR A 40 6.04 -7.93 -5.60
CA TYR A 40 7.05 -7.17 -6.34
C TYR A 40 8.45 -7.49 -5.81
N PRO A 41 9.18 -8.39 -6.48
CA PRO A 41 10.53 -8.79 -6.08
C PRO A 41 11.54 -7.63 -6.12
N ILE A 42 11.16 -6.56 -6.79
CA ILE A 42 12.05 -5.40 -6.92
C ILE A 42 12.17 -4.66 -5.59
N VAL A 43 11.07 -4.61 -4.84
CA VAL A 43 11.08 -3.93 -3.55
C VAL A 43 11.82 -4.78 -2.51
N GLY A 44 11.72 -6.09 -2.64
CA GLY A 44 12.45 -6.98 -1.76
C GLY A 44 13.95 -6.82 -1.90
N SER A 45 14.40 -6.61 -3.12
CA SER A 45 15.81 -6.41 -3.40
C SER A 45 16.27 -5.03 -2.92
N ALA A 46 15.38 -4.05 -3.02
CA ALA A 46 15.69 -2.69 -2.60
C ALA A 46 15.91 -2.60 -1.09
N SER A 47 17.00 -2.00 -0.69
CA SER A 47 17.34 -1.87 0.72
C SER A 47 16.56 -0.74 1.37
N ASN A 48 16.48 0.40 0.67
CA ASN A 48 15.76 1.55 1.18
C ASN A 48 14.28 1.48 0.81
N PHE A 49 13.81 0.27 0.52
CA PHE A 49 12.41 0.04 0.19
C PHE A 49 11.50 0.41 1.35
N ASP A 50 11.79 -0.13 2.52
CA ASP A 50 10.94 0.05 3.70
C ASP A 50 10.64 1.53 3.94
N TYR A 51 11.65 2.36 3.75
CA TYR A 51 11.51 3.80 3.90
C TYR A 51 10.56 4.37 2.85
N LEU A 52 10.84 4.06 1.58
CA LEU A 52 10.01 4.53 0.47
C LEU A 52 8.59 4.00 0.59
N PHE A 53 8.49 2.76 1.07
CA PHE A 53 7.22 2.12 1.30
C PHE A 53 6.33 2.96 2.20
N ASN A 54 6.84 3.33 3.36
CA ASN A 54 6.09 4.14 4.31
C ASN A 54 5.96 5.58 3.82
N SER A 55 6.97 6.03 3.10
CA SER A 55 7.00 7.38 2.56
C SER A 55 5.88 7.58 1.54
N ALA A 56 5.67 6.57 0.70
CA ALA A 56 4.60 6.60 -0.28
C ALA A 56 3.25 6.76 0.40
N ILE A 57 3.07 6.03 1.49
CA ILE A 57 1.83 6.09 2.28
C ILE A 57 1.68 7.47 2.92
N LYS A 58 2.80 8.04 3.34
CA LYS A 58 2.83 9.38 3.93
C LYS A 58 2.27 10.40 2.94
N LYS A 59 2.52 10.17 1.66
CA LYS A 59 1.92 10.99 0.62
C LYS A 59 0.47 10.59 0.39
N CYS A 60 0.20 9.29 0.46
CA CYS A 60 -1.14 8.75 0.24
C CYS A 60 -2.14 9.33 1.24
N VAL A 61 -1.75 9.46 2.50
CA VAL A 61 -2.67 9.90 3.54
C VAL A 61 -3.15 11.33 3.30
N GLU A 62 -2.24 12.22 2.91
CA GLU A 62 -2.62 13.60 2.61
C GLU A 62 -3.38 13.65 1.28
N ASN A 63 -2.96 12.80 0.35
CA ASN A 63 -3.63 12.69 -0.95
C ASN A 63 -5.05 12.13 -0.80
N GLY A 64 -5.26 11.38 0.27
CA GLY A 64 -6.54 10.73 0.48
C GLY A 64 -6.68 9.46 -0.31
N GLU A 65 -5.55 8.81 -0.56
CA GLU A 65 -5.54 7.54 -1.27
C GLU A 65 -5.52 6.40 -0.26
N LEU A 66 -4.62 6.51 0.70
CA LEU A 66 -4.56 5.58 1.82
C LEU A 66 -4.81 6.34 3.11
N VAL A 67 -5.46 5.70 4.05
CA VAL A 67 -5.69 6.30 5.34
C VAL A 67 -4.96 5.51 6.42
N GLN A 68 -4.29 6.22 7.30
CA GLN A 68 -3.53 5.59 8.38
C GLN A 68 -4.06 6.06 9.74
N PRO A 69 -5.16 5.45 10.21
CA PRO A 69 -5.77 5.83 11.49
C PRO A 69 -4.81 5.66 12.66
N LYS A 70 -4.02 4.59 12.61
CA LYS A 70 -3.02 4.34 13.65
C LYS A 70 -1.66 4.92 13.23
N GLY A 71 -1.69 5.98 12.45
CA GLY A 71 -0.48 6.62 11.99
C GLY A 71 0.38 5.72 11.11
N PRO A 72 1.65 6.07 10.91
CA PRO A 72 2.58 5.31 10.05
C PRO A 72 2.92 3.94 10.64
N SER A 73 3.14 3.91 11.95
CA SER A 73 3.49 2.67 12.63
C SER A 73 2.24 1.92 13.08
N GLY A 74 1.39 1.57 12.13
CA GLY A 74 0.17 0.86 12.45
C GLY A 74 -0.43 0.17 11.24
N ILE A 75 -1.74 0.32 11.11
CA ILE A 75 -2.47 -0.33 10.04
C ILE A 75 -2.71 0.61 8.86
N ILE A 76 -2.45 0.12 7.66
CA ILE A 76 -2.71 0.88 6.45
C ILE A 76 -4.06 0.47 5.88
N LYS A 77 -4.91 1.42 5.60
CA LYS A 77 -6.23 1.14 5.09
C LYS A 77 -6.48 1.90 3.80
N LEU A 78 -7.08 1.25 2.83
CA LEU A 78 -7.46 1.91 1.60
C LEU A 78 -8.62 2.85 1.89
N ASN A 79 -8.47 4.13 1.55
CA ASN A 79 -9.50 5.11 1.87
C ASN A 79 -10.81 4.74 1.19
N LYS A 80 -11.88 4.72 1.96
CA LYS A 80 -13.18 4.35 1.45
C LYS A 80 -14.25 4.73 2.47
N LYS A 81 -14.24 5.98 2.89
CA LYS A 81 -15.26 6.49 3.79
C LYS A 81 -16.57 6.69 3.03
N LYS A 82 -16.45 7.19 1.81
CA LYS A 82 -17.59 7.28 0.91
C LYS A 82 -17.76 5.95 0.18
N VAL A 83 -18.89 5.31 0.40
CA VAL A 83 -19.14 3.99 -0.17
C VAL A 83 -20.46 3.95 -0.92
N LYS A 84 -20.46 3.29 -2.07
CA LYS A 84 -21.66 3.13 -2.87
C LYS A 84 -21.39 2.12 -3.99
N LEU A 85 -22.19 1.07 -4.01
CA LEU A 85 -21.98 -0.04 -4.94
C LEU A 85 -22.57 0.26 -6.31
N SER A 86 -22.16 1.37 -6.90
CA SER A 86 -22.62 1.76 -8.22
C SER A 86 -22.11 0.76 -9.26
N THR A 87 -20.84 0.41 -9.17
CA THR A 87 -20.24 -0.57 -10.06
C THR A 87 -19.21 -1.42 -9.32
N LYS A 1 -6.01 -12.75 -11.46
CA LYS A 1 -6.20 -12.05 -10.17
C LYS A 1 -5.24 -12.60 -9.12
N ALA A 2 -3.96 -12.64 -9.44
CA ALA A 2 -2.96 -13.14 -8.52
C ALA A 2 -2.32 -11.98 -7.75
N SER A 3 -1.01 -12.05 -7.56
CA SER A 3 -0.28 -11.00 -6.86
C SER A 3 -0.18 -9.73 -7.71
N SER A 4 0.02 -8.60 -7.05
CA SER A 4 0.14 -7.31 -7.71
C SER A 4 1.22 -7.34 -8.80
N PRO A 5 1.03 -6.54 -9.87
CA PRO A 5 1.94 -6.53 -11.03
C PRO A 5 3.32 -5.94 -10.73
N SER A 6 3.87 -5.17 -11.67
CA SER A 6 5.21 -4.59 -11.52
C SER A 6 5.34 -3.33 -12.37
N SER A 7 6.51 -2.69 -12.29
CA SER A 7 6.79 -1.46 -13.04
C SER A 7 5.81 -0.36 -12.66
N LEU A 8 5.62 -0.16 -11.36
CA LEU A 8 4.70 0.84 -10.85
C LEU A 8 5.34 1.61 -9.70
N THR A 9 4.80 2.79 -9.44
CA THR A 9 5.25 3.59 -8.31
C THR A 9 4.91 2.90 -7.00
N TYR A 10 5.70 3.13 -5.96
CA TYR A 10 5.50 2.47 -4.66
C TYR A 10 4.06 2.62 -4.18
N LYS A 11 3.51 3.82 -4.32
CA LYS A 11 2.12 4.06 -3.94
C LYS A 11 1.18 3.16 -4.75
N GLU A 12 1.45 3.04 -6.04
CA GLU A 12 0.65 2.22 -6.94
C GLU A 12 0.74 0.74 -6.59
N MET A 13 1.91 0.33 -6.09
CA MET A 13 2.12 -1.04 -5.64
C MET A 13 1.11 -1.38 -4.54
N ILE A 14 0.97 -0.45 -3.61
CA ILE A 14 0.04 -0.58 -2.51
C ILE A 14 -1.41 -0.51 -3.01
N LEU A 15 -1.67 0.39 -3.94
CA LEU A 15 -3.04 0.62 -4.44
C LEU A 15 -3.69 -0.66 -4.92
N LYS A 16 -2.92 -1.54 -5.55
CA LYS A 16 -3.44 -2.81 -6.04
C LYS A 16 -3.50 -3.84 -4.91
N SER A 17 -2.53 -3.77 -4.01
CA SER A 17 -2.41 -4.71 -2.91
C SER A 17 -3.49 -4.47 -1.84
N MET A 18 -3.83 -3.20 -1.61
CA MET A 18 -4.79 -2.82 -0.57
C MET A 18 -6.13 -3.57 -0.69
N PRO A 19 -6.80 -3.54 -1.85
CA PRO A 19 -8.09 -4.23 -2.02
C PRO A 19 -7.97 -5.74 -1.77
N GLN A 20 -6.79 -6.28 -2.03
CA GLN A 20 -6.54 -7.69 -1.81
C GLN A 20 -6.49 -8.00 -0.32
N LEU A 21 -5.83 -7.13 0.43
CA LEU A 21 -5.68 -7.32 1.87
C LEU A 21 -6.97 -7.02 2.61
N ASN A 22 -7.54 -8.05 3.23
CA ASN A 22 -8.79 -7.94 3.99
C ASN A 22 -9.89 -7.28 3.19
N ASP A 23 -10.02 -7.63 1.91
CA ASP A 23 -11.05 -7.08 1.03
C ASP A 23 -10.98 -5.55 0.97
N GLY A 24 -9.77 -5.02 1.11
CA GLY A 24 -9.58 -3.58 1.04
C GLY A 24 -10.09 -2.85 2.28
N LYS A 25 -10.10 -3.55 3.40
CA LYS A 25 -10.55 -2.95 4.65
C LYS A 25 -9.39 -2.34 5.41
N GLY A 26 -8.22 -2.98 5.35
CA GLY A 26 -7.07 -2.46 6.04
C GLY A 26 -6.10 -3.54 6.48
N SER A 27 -4.81 -3.22 6.50
CA SER A 27 -3.77 -4.13 6.95
C SER A 27 -2.57 -3.35 7.45
N SER A 28 -1.90 -3.85 8.49
CA SER A 28 -0.76 -3.16 9.08
C SER A 28 0.38 -3.00 8.08
N ARG A 29 1.20 -1.98 8.29
CA ARG A 29 2.31 -1.67 7.38
C ARG A 29 3.25 -2.87 7.23
N ILE A 30 3.38 -3.66 8.29
CA ILE A 30 4.19 -4.87 8.25
C ILE A 30 3.55 -5.93 7.35
N VAL A 31 2.23 -6.06 7.44
CA VAL A 31 1.49 -6.97 6.56
C VAL A 31 1.59 -6.52 5.11
N LEU A 32 1.44 -5.23 4.89
CA LEU A 32 1.57 -4.66 3.56
C LEU A 32 2.98 -4.87 3.03
N LYS A 33 3.97 -4.73 3.90
CA LYS A 33 5.37 -4.93 3.54
C LYS A 33 5.59 -6.33 2.96
N LYS A 34 4.98 -7.33 3.59
CA LYS A 34 5.13 -8.71 3.13
C LYS A 34 4.54 -8.88 1.73
N TYR A 35 3.47 -8.14 1.47
CA TYR A 35 2.81 -8.19 0.18
C TYR A 35 3.62 -7.44 -0.86
N VAL A 36 4.04 -6.24 -0.48
CA VAL A 36 4.82 -5.38 -1.35
C VAL A 36 6.10 -6.09 -1.82
N LYS A 37 6.82 -6.70 -0.89
CA LYS A 37 8.03 -7.44 -1.23
C LYS A 37 7.72 -8.63 -2.13
N ASP A 38 6.67 -9.37 -1.80
CA ASP A 38 6.33 -10.60 -2.52
C ASP A 38 5.82 -10.33 -3.92
N THR A 39 4.97 -9.32 -4.05
CA THR A 39 4.36 -9.00 -5.33
C THR A 39 5.35 -8.36 -6.27
N TYR A 40 6.16 -7.45 -5.73
CA TYR A 40 7.15 -6.76 -6.52
C TYR A 40 8.57 -7.20 -6.15
N PRO A 41 9.16 -8.11 -6.93
CA PRO A 41 10.53 -8.57 -6.70
C PRO A 41 11.52 -7.43 -6.66
N ILE A 42 11.25 -6.39 -7.45
CA ILE A 42 12.11 -5.22 -7.54
C ILE A 42 12.18 -4.45 -6.22
N VAL A 43 11.05 -4.34 -5.53
CA VAL A 43 10.99 -3.57 -4.30
C VAL A 43 11.60 -4.35 -3.14
N GLY A 44 11.52 -5.68 -3.22
CA GLY A 44 12.05 -6.53 -2.17
C GLY A 44 13.52 -6.32 -1.91
N SER A 45 14.29 -6.21 -2.98
CA SER A 45 15.74 -6.03 -2.87
C SER A 45 16.14 -4.56 -3.01
N ALA A 46 15.29 -3.66 -2.52
CA ALA A 46 15.59 -2.24 -2.53
C ALA A 46 16.46 -1.87 -1.33
N SER A 47 17.40 -0.96 -1.54
CA SER A 47 18.31 -0.54 -0.48
C SER A 47 17.56 0.18 0.65
N ASN A 48 16.91 1.29 0.30
CA ASN A 48 16.05 2.00 1.24
C ASN A 48 14.63 1.52 1.10
N PHE A 49 14.45 0.21 1.10
CA PHE A 49 13.14 -0.39 0.87
C PHE A 49 12.11 0.17 1.83
N ASP A 50 12.30 -0.06 3.12
CA ASP A 50 11.30 0.35 4.09
C ASP A 50 11.17 1.86 4.12
N TYR A 51 12.28 2.55 3.89
CA TYR A 51 12.29 4.00 3.82
C TYR A 51 11.39 4.50 2.69
N LEU A 52 11.64 4.02 1.49
CA LEU A 52 10.86 4.44 0.32
C LEU A 52 9.43 3.95 0.43
N PHE A 53 9.27 2.75 1.01
CA PHE A 53 7.96 2.17 1.24
C PHE A 53 7.16 3.05 2.20
N ASN A 54 7.80 3.43 3.30
CA ASN A 54 7.19 4.32 4.29
C ASN A 54 6.92 5.68 3.66
N SER A 55 7.79 6.09 2.76
CA SER A 55 7.63 7.35 2.05
C SER A 55 6.34 7.33 1.22
N ALA A 56 6.08 6.18 0.60
CA ALA A 56 4.83 5.97 -0.13
C ALA A 56 3.63 6.03 0.82
N ILE A 57 3.78 5.40 1.98
CA ILE A 57 2.74 5.40 3.01
C ILE A 57 2.43 6.83 3.45
N LYS A 58 3.47 7.58 3.71
CA LYS A 58 3.33 8.98 4.10
C LYS A 58 2.62 9.77 3.00
N LYS A 59 2.91 9.41 1.75
CA LYS A 59 2.30 10.08 0.61
C LYS A 59 0.84 9.69 0.43
N CYS A 60 0.53 8.42 0.58
CA CYS A 60 -0.82 7.93 0.33
C CYS A 60 -1.84 8.61 1.25
N VAL A 61 -1.46 8.84 2.51
CA VAL A 61 -2.38 9.46 3.46
C VAL A 61 -2.60 10.94 3.14
N GLU A 62 -1.54 11.66 2.79
CA GLU A 62 -1.68 13.08 2.43
C GLU A 62 -2.40 13.23 1.09
N ASN A 63 -2.12 12.30 0.18
CA ASN A 63 -2.76 12.26 -1.13
C ASN A 63 -4.24 11.92 -1.01
N GLY A 64 -4.58 11.18 0.04
CA GLY A 64 -5.95 10.75 0.25
C GLY A 64 -6.27 9.49 -0.52
N GLU A 65 -5.24 8.67 -0.71
CA GLU A 65 -5.39 7.38 -1.35
C GLU A 65 -5.80 6.36 -0.31
N LEU A 66 -5.08 6.37 0.80
CA LEU A 66 -5.32 5.45 1.90
C LEU A 66 -5.53 6.23 3.19
N VAL A 67 -6.25 5.64 4.13
CA VAL A 67 -6.46 6.24 5.42
C VAL A 67 -5.80 5.41 6.52
N GLN A 68 -5.07 6.07 7.40
CA GLN A 68 -4.38 5.38 8.47
C GLN A 68 -4.83 5.91 9.84
N PRO A 69 -5.83 5.25 10.44
CA PRO A 69 -6.39 5.66 11.74
C PRO A 69 -5.38 5.56 12.87
N LYS A 70 -4.54 4.52 12.85
CA LYS A 70 -3.54 4.33 13.89
C LYS A 70 -2.16 4.78 13.42
N GLY A 71 -2.16 5.81 12.57
CA GLY A 71 -0.91 6.38 12.09
C GLY A 71 -0.16 5.48 11.14
N PRO A 72 1.05 5.89 10.73
CA PRO A 72 1.88 5.13 9.77
C PRO A 72 2.22 3.73 10.28
N SER A 73 2.57 3.63 11.56
CA SER A 73 2.92 2.35 12.16
C SER A 73 1.68 1.57 12.61
N GLY A 74 0.65 1.59 11.78
CA GLY A 74 -0.56 0.87 12.12
C GLY A 74 -1.23 0.29 10.92
N ILE A 75 -2.55 0.21 10.99
CA ILE A 75 -3.34 -0.38 9.93
C ILE A 75 -3.58 0.61 8.80
N ILE A 76 -3.20 0.21 7.61
CA ILE A 76 -3.38 1.02 6.41
C ILE A 76 -4.68 0.61 5.74
N LYS A 77 -5.63 1.51 5.68
CA LYS A 77 -6.93 1.20 5.14
C LYS A 77 -7.14 1.87 3.79
N LEU A 78 -7.63 1.12 2.81
CA LEU A 78 -7.94 1.70 1.51
C LEU A 78 -9.12 2.64 1.65
N ASN A 79 -8.87 3.92 1.41
CA ASN A 79 -9.91 4.93 1.50
C ASN A 79 -10.91 4.77 0.37
N LYS A 80 -11.91 3.93 0.58
CA LYS A 80 -12.94 3.67 -0.42
C LYS A 80 -14.07 4.69 -0.29
N LYS A 81 -13.69 5.94 -0.07
CA LYS A 81 -14.63 7.04 0.05
C LYS A 81 -15.27 7.33 -1.30
N LYS A 82 -14.56 6.94 -2.36
CA LYS A 82 -14.99 7.14 -3.75
C LYS A 82 -14.97 8.63 -4.10
N VAL A 83 -14.09 9.37 -3.41
CA VAL A 83 -13.92 10.81 -3.64
C VAL A 83 -15.25 11.54 -3.47
N LYS A 84 -16.04 11.06 -2.51
CA LYS A 84 -17.39 11.56 -2.21
C LYS A 84 -18.35 11.32 -3.37
N LEU A 85 -19.62 11.08 -3.04
CA LEU A 85 -20.62 10.77 -4.05
C LEU A 85 -21.11 12.03 -4.77
N SER A 86 -22.39 12.07 -5.10
CA SER A 86 -22.96 13.17 -5.86
C SER A 86 -22.34 13.23 -7.26
N THR A 87 -22.04 12.04 -7.79
CA THR A 87 -21.43 11.89 -9.09
C THR A 87 -21.37 10.41 -9.44
#